data_7SLA
#
_entry.id   7SLA
#
_cell.length_a   1.00
_cell.length_b   1.00
_cell.length_c   1.00
_cell.angle_alpha   90.00
_cell.angle_beta   90.00
_cell.angle_gamma   90.00
#
_symmetry.space_group_name_H-M   'P 1'
#
loop_
_entity.id
_entity.type
_entity.pdbx_description
1 polymer 'Sodium/glucose cotransporter 1'
2 polymer 'nanobody Nb1'
3 non-polymer 'CHOLESTEROL HEMISUCCINATE'
#
loop_
_entity_poly.entity_id
_entity_poly.type
_entity_poly.pdbx_seq_one_letter_code
_entity_poly.pdbx_strand_id
1 'polypeptide(L)'
;MDSSTWSPKTTAVTRPVETHELIRNAADISVIVIYFLLVMAVGLWSMFKTNRGTVGGFFLAGRSMVWWPIGASLFASNIG
SGHFIGLAGTGAASGLAVGGFEWNALVLLLVLGWVFVPIYIKAGVVTMPEYLRKRFGGQRIQVYLSVLSLFLYIFTKISV
DIFSGAIFINLALGWNLYLSIILLLAITALYTITGGLAAVIYTDTLQTLIMLIGALILMGFAFHEVGGYDAFMEKYMKAI
PTIVSDGNTTFQEKCYTPRADSFHIFRDPLTGDLPWPGFIFGLTILALWYWCTDQVIVQRCLAAKNMSHVKGGCILAGYL
KLLPMFIMVMPGMISRILFPDKVACVVPSECEKYCGTKVGCTNIAYPTLVVELMPNGLRGLMLAVMLAALMSSLTSIFNS
ASTLFTMDIYAKVRKRASEKELMIVGRLFVLFLVVVSIAWIPIVQSAQSGQLFDYIQSVSSYLAPPVAAVFLLAIFWKRV
NEQGAFWGLILGLLLGLSRLILEFAYGTGSCMEPSNCPTIICGVHYLYFAIILFAISGIVTVVVSLLTKPIPDVHLYRLC
WSLRNSKEERIDLDAEEENIQEGPKETIEIETQVPEKKKGIFRRAYDLFCGLEQHGAPKMTEEEEKAMKMKMTDTSEKPL
WRTVLNINAILLLAVAIFCHAYFASNSLEVLFQ
;
A
2 'polypeptide(L)'
;MAQVQLQESGGGLVQAGGSLRLSCAASGTIFVFDKMGWYRQAPGKEREFVATISRGGSTNYADSVKGRFTISRDNAKNTV
YLQMNSLKPEDTAVYYCAVRYTPWRRYSYWGQGTQVTVSSHHHHHH
;
B
#
loop_
_chem_comp.id
_chem_comp.type
_chem_comp.name
_chem_comp.formula
Y01 non-polymer 'CHOLESTEROL HEMISUCCINATE' 'C31 H50 O4'
#
# COMPACT_ATOMS: atom_id res chain seq x y z
N THR A 19 -14.10 -8.58 -25.06
CA THR A 19 -13.87 -7.28 -24.46
C THR A 19 -13.27 -6.31 -25.46
N HIS A 20 -12.86 -5.14 -24.99
CA HIS A 20 -12.23 -4.01 -25.69
C HIS A 20 -13.16 -3.30 -26.67
N GLU A 21 -14.39 -3.77 -26.87
CA GLU A 21 -15.40 -3.06 -27.64
C GLU A 21 -16.61 -2.70 -26.77
N LEU A 22 -16.47 -2.83 -25.46
CA LEU A 22 -17.51 -2.41 -24.54
C LEU A 22 -17.53 -0.90 -24.32
N ILE A 23 -16.48 -0.19 -24.74
CA ILE A 23 -16.44 1.27 -24.61
C ILE A 23 -17.08 1.98 -25.79
N ARG A 24 -17.37 1.28 -26.88
CA ARG A 24 -17.90 1.92 -28.08
C ARG A 24 -19.42 2.05 -27.99
N ASN A 25 -19.84 2.96 -27.13
CA ASN A 25 -21.25 3.33 -27.05
C ASN A 25 -21.33 4.80 -26.72
N ALA A 26 -22.48 5.41 -27.04
CA ALA A 26 -22.61 6.85 -26.99
C ALA A 26 -22.85 7.39 -25.59
N ALA A 27 -22.90 6.54 -24.57
CA ALA A 27 -23.31 6.97 -23.25
C ALA A 27 -22.16 7.45 -22.39
N ASP A 28 -20.92 7.14 -22.72
CA ASP A 28 -19.78 7.52 -21.90
C ASP A 28 -18.68 8.29 -22.62
N ILE A 29 -18.65 8.26 -23.96
CA ILE A 29 -17.72 9.11 -24.70
C ILE A 29 -18.03 10.58 -24.46
N SER A 30 -19.31 10.92 -24.40
CA SER A 30 -19.71 12.27 -24.02
C SER A 30 -19.33 12.60 -22.59
N VAL A 31 -19.32 11.61 -21.70
CA VAL A 31 -18.93 11.85 -20.31
C VAL A 31 -17.44 12.17 -20.21
N ILE A 32 -16.62 11.43 -20.97
CA ILE A 32 -15.17 11.69 -20.99
C ILE A 32 -14.88 13.07 -21.55
N VAL A 33 -15.53 13.43 -22.67
CA VAL A 33 -15.30 14.71 -23.31
C VAL A 33 -15.74 15.87 -22.42
N ILE A 34 -16.90 15.72 -21.76
CA ILE A 34 -17.43 16.78 -20.91
C ILE A 34 -16.56 16.98 -19.68
N TYR A 35 -16.02 15.89 -19.10
CA TYR A 35 -15.16 16.01 -17.94
C TYR A 35 -13.83 16.70 -18.29
N PHE A 36 -13.24 16.35 -19.44
CA PHE A 36 -11.97 16.97 -19.83
C PHE A 36 -12.17 18.45 -20.17
N LEU A 37 -13.27 18.79 -20.85
CA LEU A 37 -13.54 20.20 -21.13
C LEU A 37 -13.83 20.99 -19.86
N LEU A 38 -14.43 20.37 -18.85
CA LEU A 38 -14.66 21.07 -17.58
C LEU A 38 -13.35 21.38 -16.86
N VAL A 39 -12.42 20.42 -16.84
CA VAL A 39 -11.14 20.65 -16.16
C VAL A 39 -10.31 21.71 -16.89
N MET A 40 -10.30 21.65 -18.23
CA MET A 40 -9.56 22.67 -18.99
C MET A 40 -10.21 24.05 -18.89
N ALA A 41 -11.54 24.12 -18.74
CA ALA A 41 -12.19 25.41 -18.57
C ALA A 41 -11.90 26.00 -17.20
N VAL A 42 -11.84 25.15 -16.16
CA VAL A 42 -11.49 25.63 -14.82
C VAL A 42 -10.06 26.21 -14.81
N GLY A 43 -9.13 25.52 -15.47
CA GLY A 43 -7.77 26.03 -15.56
C GLY A 43 -7.66 27.32 -16.35
N LEU A 44 -8.37 27.39 -17.49
CA LEU A 44 -8.33 28.58 -18.33
C LEU A 44 -9.03 29.77 -17.68
N TRP A 45 -9.98 29.53 -16.78
CA TRP A 45 -10.57 30.64 -16.03
C TRP A 45 -9.64 31.10 -14.91
N SER A 46 -9.00 30.16 -14.23
CA SER A 46 -8.11 30.56 -13.13
C SER A 46 -6.77 31.11 -13.63
N MET A 47 -6.47 31.03 -14.92
CA MET A 47 -5.27 31.68 -15.43
C MET A 47 -5.39 33.20 -15.42
N PHE A 48 -6.60 33.74 -15.55
CA PHE A 48 -6.79 35.18 -15.64
C PHE A 48 -7.09 35.80 -14.27
N LYS A 49 -8.17 35.38 -13.63
CA LYS A 49 -8.57 35.95 -12.35
C LYS A 49 -9.38 34.97 -11.51
N ARG A 63 -1.18 30.75 -1.89
CA ARG A 63 -0.58 31.28 -0.68
C ARG A 63 -1.61 31.48 0.42
N SER A 64 -1.23 31.12 1.65
CA SER A 64 -2.05 31.19 2.86
C SER A 64 -3.34 30.38 2.70
N MET A 65 -3.15 29.07 2.58
CA MET A 65 -4.26 28.13 2.41
C MET A 65 -4.84 27.76 3.78
N VAL A 66 -5.79 26.81 3.78
CA VAL A 66 -6.48 26.37 4.99
C VAL A 66 -6.37 24.85 5.07
N TRP A 67 -7.07 24.24 6.02
CA TRP A 67 -6.77 22.85 6.37
C TRP A 67 -7.27 21.85 5.34
N TRP A 68 -8.46 22.06 4.76
CA TRP A 68 -8.99 21.04 3.84
C TRP A 68 -8.32 20.90 2.46
N PRO A 69 -7.73 21.93 1.82
CA PRO A 69 -6.96 21.64 0.61
C PRO A 69 -5.67 20.88 0.87
N ILE A 70 -5.02 21.12 2.02
CA ILE A 70 -3.78 20.43 2.35
C ILE A 70 -4.02 18.95 2.56
N GLY A 71 -5.17 18.58 3.15
CA GLY A 71 -5.45 17.17 3.39
C GLY A 71 -5.67 16.38 2.12
N ALA A 72 -6.42 16.93 1.17
CA ALA A 72 -6.63 16.24 -0.10
C ALA A 72 -5.36 16.24 -0.95
N SER A 73 -4.57 17.32 -0.89
CA SER A 73 -3.30 17.35 -1.62
C SER A 73 -2.29 16.35 -1.05
N LEU A 74 -2.37 16.06 0.25
CA LEU A 74 -1.47 15.06 0.81
C LEU A 74 -2.00 13.64 0.62
N PHE A 75 -3.29 13.42 0.49
CA PHE A 75 -3.76 12.05 0.32
C PHE A 75 -3.68 11.53 -1.09
N ALA A 76 -3.61 12.39 -2.07
CA ALA A 76 -3.58 11.98 -3.47
C ALA A 76 -2.25 12.08 -4.14
N SER A 77 -1.16 12.08 -3.38
CA SER A 77 0.14 12.20 -3.98
C SER A 77 0.58 11.11 -4.91
N ASN A 78 0.42 9.86 -4.50
CA ASN A 78 0.87 8.77 -5.36
C ASN A 78 -0.23 7.89 -5.86
N ILE A 79 -1.45 8.35 -5.87
CA ILE A 79 -2.56 7.55 -6.35
C ILE A 79 -2.51 7.59 -7.85
N GLY A 80 -3.03 6.55 -8.48
CA GLY A 80 -3.02 6.46 -9.92
C GLY A 80 -2.10 5.38 -10.45
N SER A 81 -0.95 5.22 -9.81
CA SER A 81 -0.01 4.17 -10.16
C SER A 81 0.54 3.42 -8.96
N GLY A 82 0.22 3.82 -7.74
CA GLY A 82 0.65 3.10 -6.57
C GLY A 82 -0.54 2.65 -5.75
N HIS A 83 -1.73 2.86 -6.29
CA HIS A 83 -2.97 2.39 -5.70
C HIS A 83 -3.77 1.52 -6.64
N PHE A 84 -3.81 1.86 -7.92
CA PHE A 84 -4.65 1.14 -8.87
C PHE A 84 -3.92 0.02 -9.58
N ILE A 85 -2.60 0.03 -9.59
CA ILE A 85 -1.80 -1.03 -10.20
C ILE A 85 -1.10 -1.87 -9.14
N GLY A 86 -0.31 -1.23 -8.27
CA GLY A 86 0.57 -1.96 -7.38
C GLY A 86 -0.17 -2.71 -6.28
N LEU A 87 -1.03 -2.00 -5.53
CA LEU A 87 -1.74 -2.63 -4.43
C LEU A 87 -2.74 -3.67 -4.90
N ALA A 88 -3.46 -3.40 -5.97
CA ALA A 88 -4.44 -4.36 -6.47
C ALA A 88 -3.76 -5.58 -7.10
N GLY A 89 -2.64 -5.39 -7.80
CA GLY A 89 -1.95 -6.53 -8.36
C GLY A 89 -1.29 -7.41 -7.31
N THR A 90 -0.65 -6.80 -6.32
CA THR A 90 -0.06 -7.61 -5.26
C THR A 90 -1.12 -8.20 -4.33
N GLY A 91 -2.31 -7.62 -4.27
CA GLY A 91 -3.40 -8.28 -3.58
C GLY A 91 -3.95 -9.46 -4.35
N ALA A 92 -3.96 -9.38 -5.68
CA ALA A 92 -4.43 -10.50 -6.48
C ALA A 92 -3.38 -11.59 -6.64
N ALA A 93 -2.11 -11.31 -6.36
CA ALA A 93 -1.06 -12.29 -6.52
C ALA A 93 -0.64 -12.95 -5.21
N SER A 94 -0.34 -12.15 -4.19
CA SER A 94 0.19 -12.68 -2.93
C SER A 94 -0.91 -12.95 -1.91
N GLY A 95 -1.62 -11.91 -1.49
CA GLY A 95 -2.65 -12.09 -0.49
C GLY A 95 -3.09 -10.83 0.21
N LEU A 96 -3.20 -10.87 1.54
CA LEU A 96 -3.82 -9.83 2.33
C LEU A 96 -2.82 -8.94 3.06
N ALA A 97 -1.53 -9.27 3.04
CA ALA A 97 -0.57 -8.56 3.88
C ALA A 97 -0.12 -7.22 3.29
N VAL A 98 -0.51 -6.90 2.06
CA VAL A 98 -0.05 -5.68 1.42
C VAL A 98 -0.75 -4.47 2.00
N GLY A 99 -1.95 -4.66 2.55
CA GLY A 99 -2.78 -3.57 3.04
C GLY A 99 -2.26 -2.87 4.27
N GLY A 100 -1.27 -3.44 4.96
CA GLY A 100 -0.70 -2.80 6.12
C GLY A 100 0.44 -1.85 5.81
N PHE A 101 0.38 -1.25 4.63
CA PHE A 101 1.31 -0.24 4.14
C PHE A 101 0.81 1.17 4.47
N GLU A 102 -0.48 1.41 4.27
CA GLU A 102 -1.05 2.73 4.49
C GLU A 102 -1.16 3.07 5.97
N TRP A 103 -1.27 2.05 6.85
CA TRP A 103 -1.37 2.33 8.28
C TRP A 103 -0.02 2.82 8.82
N ASN A 104 1.06 2.19 8.36
CA ASN A 104 2.40 2.70 8.64
C ASN A 104 2.62 4.08 8.02
N ALA A 105 2.02 4.32 6.85
CA ALA A 105 2.13 5.64 6.22
C ALA A 105 1.44 6.72 7.05
N LEU A 106 0.29 6.42 7.67
CA LEU A 106 -0.36 7.45 8.47
C LEU A 106 0.37 7.70 9.78
N VAL A 107 0.97 6.65 10.36
CA VAL A 107 1.78 6.83 11.56
C VAL A 107 2.98 7.72 11.26
N LEU A 108 3.62 7.53 10.10
CA LEU A 108 4.69 8.44 9.70
C LEU A 108 4.20 9.78 9.18
N LEU A 109 2.91 9.92 8.90
CA LEU A 109 2.37 11.21 8.51
C LEU A 109 2.10 12.10 9.71
N LEU A 110 1.84 11.50 10.88
CA LEU A 110 1.65 12.33 12.07
C LEU A 110 2.95 12.89 12.65
N VAL A 111 4.12 12.43 12.20
CA VAL A 111 5.38 12.95 12.72
C VAL A 111 5.82 14.22 11.99
N LEU A 112 5.49 14.32 10.70
CA LEU A 112 5.84 15.49 9.89
C LEU A 112 5.23 16.77 10.43
N GLY A 113 3.99 16.71 10.92
CA GLY A 113 3.34 17.93 11.38
C GLY A 113 3.77 18.37 12.75
N TRP A 114 4.07 17.43 13.63
CA TRP A 114 4.40 17.75 15.01
C TRP A 114 5.87 17.96 15.28
N VAL A 115 6.77 17.32 14.52
CA VAL A 115 8.19 17.32 14.83
C VAL A 115 8.99 18.12 13.81
N PHE A 116 8.84 17.82 12.51
CA PHE A 116 9.82 18.26 11.53
C PHE A 116 9.55 19.62 10.91
N VAL A 117 8.29 20.06 10.82
CA VAL A 117 7.99 21.34 10.18
C VAL A 117 8.40 22.55 11.02
N PRO A 118 8.26 22.59 12.36
CA PRO A 118 8.87 23.71 13.11
C PRO A 118 10.39 23.79 13.02
N ILE A 119 11.07 22.70 12.66
CA ILE A 119 12.50 22.78 12.39
C ILE A 119 12.77 23.55 11.11
N TYR A 120 11.94 23.35 10.08
CA TYR A 120 12.12 24.10 8.85
C TYR A 120 11.69 25.55 9.00
N ILE A 121 10.71 25.83 9.86
CA ILE A 121 10.27 27.21 10.02
C ILE A 121 11.26 27.99 10.89
N LYS A 122 11.75 27.38 11.98
CA LYS A 122 12.61 28.08 12.90
C LYS A 122 14.03 28.27 12.40
N ALA A 123 14.36 27.83 11.19
CA ALA A 123 15.69 28.03 10.64
C ALA A 123 15.69 28.84 9.34
N GLY A 124 14.53 29.24 8.85
CA GLY A 124 14.47 30.06 7.65
C GLY A 124 14.78 29.34 6.36
N VAL A 125 14.49 28.04 6.29
CA VAL A 125 14.88 27.20 5.17
C VAL A 125 13.61 26.70 4.49
N VAL A 126 13.69 26.44 3.20
CA VAL A 126 12.55 25.97 2.40
C VAL A 126 12.66 24.49 2.09
N THR A 127 13.83 24.02 1.64
CA THR A 127 14.02 22.63 1.23
C THR A 127 15.14 21.99 2.06
N MET A 128 15.44 20.73 1.77
CA MET A 128 16.42 19.98 2.55
C MET A 128 17.90 20.23 2.18
N PRO A 129 18.32 20.28 0.90
CA PRO A 129 19.73 20.64 0.66
C PRO A 129 20.08 22.06 1.03
N GLU A 130 19.11 22.98 1.01
CA GLU A 130 19.34 24.31 1.57
C GLU A 130 19.51 24.26 3.08
N TYR A 131 18.99 23.23 3.75
CA TYR A 131 19.27 23.04 5.17
C TYR A 131 20.66 22.46 5.36
N LEU A 132 21.06 21.50 4.53
CA LEU A 132 22.38 20.90 4.67
C LEU A 132 23.50 21.79 4.15
N ARG A 133 23.18 22.88 3.47
CA ARG A 133 24.21 23.88 3.17
C ARG A 133 24.41 24.85 4.34
N LYS A 134 23.34 25.23 5.02
CA LYS A 134 23.46 26.12 6.18
C LYS A 134 23.95 25.39 7.42
N ARG A 135 23.80 24.08 7.48
CA ARG A 135 24.23 23.34 8.66
C ARG A 135 25.72 23.02 8.62
N PHE A 136 26.21 22.46 7.51
CA PHE A 136 27.59 21.99 7.44
C PHE A 136 28.51 22.98 6.73
N GLY A 137 28.19 23.35 5.51
CA GLY A 137 29.01 24.27 4.72
C GLY A 137 29.46 23.64 3.42
N GLY A 138 30.32 24.36 2.73
CA GLY A 138 30.87 23.84 1.48
C GLY A 138 29.87 23.88 0.35
N GLN A 139 30.22 23.17 -0.73
CA GLN A 139 29.37 23.17 -1.91
C GLN A 139 29.25 21.82 -2.60
N ARG A 140 29.67 20.72 -1.98
CA ARG A 140 29.60 19.44 -2.66
C ARG A 140 28.42 18.58 -2.23
N ILE A 141 27.92 18.75 -1.00
CA ILE A 141 26.79 17.94 -0.54
C ILE A 141 25.52 18.33 -1.28
N GLN A 142 25.33 19.62 -1.55
CA GLN A 142 24.13 20.09 -2.27
C GLN A 142 24.11 19.58 -3.71
N VAL A 143 25.26 19.64 -4.39
CA VAL A 143 25.35 19.18 -5.77
C VAL A 143 25.16 17.67 -5.84
N TYR A 144 25.73 16.93 -4.89
CA TYR A 144 25.58 15.48 -4.91
C TYR A 144 24.13 15.06 -4.64
N LEU A 145 23.44 15.75 -3.72
CA LEU A 145 22.05 15.39 -3.45
C LEU A 145 21.13 15.74 -4.61
N SER A 146 21.42 16.83 -5.34
CA SER A 146 20.61 17.12 -6.53
C SER A 146 20.80 16.07 -7.62
N VAL A 147 22.07 15.65 -7.85
CA VAL A 147 22.33 14.63 -8.85
C VAL A 147 21.69 13.29 -8.48
N LEU A 148 21.64 12.97 -7.18
CA LEU A 148 20.97 11.75 -6.75
C LEU A 148 19.45 11.83 -6.92
N SER A 149 18.86 13.00 -6.61
CA SER A 149 17.41 13.15 -6.68
C SER A 149 16.89 13.07 -8.11
N LEU A 150 17.68 13.52 -9.09
CA LEU A 150 17.23 13.40 -10.48
C LEU A 150 17.15 11.94 -10.93
N PHE A 151 18.12 11.11 -10.54
CA PHE A 151 18.09 9.70 -10.90
C PHE A 151 16.97 8.96 -10.18
N LEU A 152 16.67 9.34 -8.94
CA LEU A 152 15.53 8.72 -8.26
C LEU A 152 14.21 9.11 -8.91
N TYR A 153 14.10 10.35 -9.41
CA TYR A 153 12.92 10.77 -10.18
C TYR A 153 12.72 9.90 -11.42
N ILE A 154 13.80 9.71 -12.20
CA ILE A 154 13.73 8.93 -13.44
C ILE A 154 13.36 7.48 -13.15
N PHE A 155 13.98 6.88 -12.14
CA PHE A 155 13.75 5.45 -11.90
C PHE A 155 12.41 5.18 -11.26
N THR A 156 11.84 6.12 -10.50
CA THR A 156 10.64 5.82 -9.74
C THR A 156 9.37 6.42 -10.32
N LYS A 157 9.35 7.69 -10.73
CA LYS A 157 8.06 8.33 -10.97
C LYS A 157 7.65 8.42 -12.44
N ILE A 158 8.55 8.86 -13.32
CA ILE A 158 8.15 9.25 -14.66
C ILE A 158 7.83 8.04 -15.52
N SER A 159 8.72 7.05 -15.57
CA SER A 159 8.49 5.87 -16.39
C SER A 159 7.34 5.03 -15.87
N VAL A 160 7.13 5.04 -14.55
CA VAL A 160 6.01 4.30 -13.96
C VAL A 160 4.68 4.96 -14.32
N ASP A 161 4.63 6.30 -14.34
CA ASP A 161 3.40 6.98 -14.75
C ASP A 161 3.07 6.77 -16.22
N ILE A 162 4.08 6.81 -17.09
CA ILE A 162 3.85 6.58 -18.52
C ILE A 162 3.41 5.13 -18.76
N PHE A 163 3.99 4.19 -18.03
CA PHE A 163 3.62 2.78 -18.17
C PHE A 163 2.19 2.52 -17.70
N SER A 164 1.77 3.15 -16.60
CA SER A 164 0.42 2.96 -16.11
C SER A 164 -0.63 3.55 -17.05
N GLY A 165 -0.34 4.73 -17.61
CA GLY A 165 -1.25 5.30 -18.61
C GLY A 165 -1.37 4.44 -19.85
N ALA A 166 -0.26 3.84 -20.29
CA ALA A 166 -0.32 2.94 -21.44
C ALA A 166 -1.10 1.66 -21.14
N ILE A 167 -1.04 1.16 -19.90
CA ILE A 167 -1.85 0.00 -19.51
C ILE A 167 -3.33 0.33 -19.57
N PHE A 168 -3.73 1.50 -19.05
CA PHE A 168 -5.14 1.88 -19.07
C PHE A 168 -5.67 2.06 -20.49
N ILE A 169 -4.90 2.73 -21.36
CA ILE A 169 -5.37 2.96 -22.73
C ILE A 169 -5.42 1.66 -23.52
N ASN A 170 -4.43 0.77 -23.34
CA ASN A 170 -4.42 -0.50 -24.05
C ASN A 170 -5.55 -1.43 -23.59
N LEU A 171 -5.93 -1.38 -22.31
CA LEU A 171 -7.09 -2.16 -21.88
C LEU A 171 -8.40 -1.57 -22.40
N ALA A 172 -8.55 -0.24 -22.38
CA ALA A 172 -9.83 0.36 -22.74
C ALA A 172 -10.08 0.30 -24.24
N LEU A 173 -9.16 0.82 -25.05
CA LEU A 173 -9.44 1.00 -26.48
C LEU A 173 -8.95 -0.19 -27.32
N GLY A 174 -7.66 -0.49 -27.29
CA GLY A 174 -7.19 -1.67 -27.98
C GLY A 174 -5.95 -1.50 -28.83
N TRP A 175 -5.33 -0.32 -28.80
CA TRP A 175 -4.11 -0.08 -29.55
C TRP A 175 -2.90 -0.60 -28.77
N ASN A 176 -1.76 -0.67 -29.45
CA ASN A 176 -0.54 -1.19 -28.82
C ASN A 176 0.10 -0.13 -27.94
N LEU A 177 1.33 -0.38 -27.50
CA LEU A 177 1.96 0.47 -26.50
C LEU A 177 2.45 1.79 -27.10
N TYR A 178 3.10 1.72 -28.26
CA TYR A 178 3.69 2.90 -28.88
C TYR A 178 2.65 3.87 -29.42
N LEU A 179 1.43 3.41 -29.65
CA LEU A 179 0.34 4.29 -30.06
C LEU A 179 -0.45 4.82 -28.89
N SER A 180 -0.13 4.39 -27.66
CA SER A 180 -0.77 4.92 -26.46
C SER A 180 0.13 5.88 -25.70
N ILE A 181 1.45 5.69 -25.77
CA ILE A 181 2.38 6.60 -25.10
C ILE A 181 2.31 7.99 -25.72
N ILE A 182 2.27 8.07 -27.06
CA ILE A 182 2.23 9.38 -27.70
C ILE A 182 0.87 10.03 -27.53
N LEU A 183 -0.19 9.25 -27.35
CA LEU A 183 -1.50 9.83 -27.05
C LEU A 183 -1.53 10.42 -25.64
N LEU A 184 -0.94 9.72 -24.67
CA LEU A 184 -0.85 10.26 -23.31
C LEU A 184 -0.02 11.54 -23.28
N LEU A 185 1.07 11.59 -24.05
CA LEU A 185 1.90 12.79 -24.05
C LEU A 185 1.20 13.95 -24.78
N ALA A 186 0.50 13.66 -25.88
CA ALA A 186 -0.22 14.70 -26.59
C ALA A 186 -1.42 15.22 -25.83
N ILE A 187 -1.95 14.46 -24.86
CA ILE A 187 -3.00 15.02 -24.00
C ILE A 187 -2.41 15.80 -22.84
N THR A 188 -1.30 15.35 -22.23
CA THR A 188 -0.75 16.15 -21.12
C THR A 188 -0.09 17.44 -21.59
N ALA A 189 0.32 17.53 -22.85
CA ALA A 189 0.79 18.81 -23.38
C ALA A 189 -0.34 19.83 -23.45
N LEU A 190 -1.52 19.41 -23.91
CA LEU A 190 -2.69 20.28 -23.90
C LEU A 190 -3.16 20.56 -22.48
N TYR A 191 -2.87 19.66 -21.54
CA TYR A 191 -3.18 19.95 -20.15
C TYR A 191 -2.31 21.07 -19.61
N THR A 192 -1.00 21.04 -19.88
CA THR A 192 -0.12 22.02 -19.27
C THR A 192 -0.02 23.33 -20.03
N ILE A 193 -0.50 23.40 -21.28
CA ILE A 193 -0.51 24.70 -21.97
C ILE A 193 -1.55 25.63 -21.36
N THR A 194 -2.77 25.15 -21.15
CA THR A 194 -3.87 26.02 -20.70
C THR A 194 -3.96 26.15 -19.18
N GLY A 195 -2.83 26.45 -18.55
CA GLY A 195 -2.80 26.78 -17.14
C GLY A 195 -3.19 25.65 -16.19
N GLY A 196 -2.62 24.48 -16.38
CA GLY A 196 -2.93 23.37 -15.51
C GLY A 196 -2.09 23.27 -14.26
N LEU A 197 -1.15 24.20 -14.07
CA LEU A 197 -0.28 24.18 -12.90
C LEU A 197 -0.65 25.24 -11.88
N ALA A 198 -1.35 26.30 -12.28
CA ALA A 198 -1.81 27.30 -11.32
C ALA A 198 -2.95 26.75 -10.48
N ALA A 199 -4.07 26.40 -11.12
CA ALA A 199 -5.23 25.85 -10.42
C ALA A 199 -4.98 24.37 -10.19
N VAL A 200 -4.43 24.04 -9.02
CA VAL A 200 -4.10 22.67 -8.69
C VAL A 200 -4.70 22.38 -7.32
N ILE A 201 -5.61 23.25 -6.88
CA ILE A 201 -6.30 23.08 -5.61
C ILE A 201 -7.75 22.65 -5.81
N TYR A 202 -8.48 23.36 -6.68
CA TYR A 202 -9.89 23.06 -6.93
C TYR A 202 -10.02 21.70 -7.62
N THR A 203 -9.20 21.47 -8.65
CA THR A 203 -9.27 20.22 -9.39
C THR A 203 -8.79 19.05 -8.54
N ASP A 204 -7.86 19.29 -7.61
CA ASP A 204 -7.37 18.21 -6.77
C ASP A 204 -8.43 17.78 -5.75
N THR A 205 -9.11 18.75 -5.13
CA THR A 205 -10.20 18.40 -4.22
C THR A 205 -11.36 17.74 -4.95
N LEU A 206 -11.65 18.21 -6.17
CA LEU A 206 -12.70 17.60 -6.98
C LEU A 206 -12.39 16.16 -7.36
N GLN A 207 -11.14 15.91 -7.79
CA GLN A 207 -10.78 14.55 -8.21
C GLN A 207 -10.73 13.59 -7.04
N THR A 208 -10.26 14.05 -5.88
CA THR A 208 -10.26 13.19 -4.71
C THR A 208 -11.68 12.83 -4.28
N LEU A 209 -12.60 13.81 -4.33
CA LEU A 209 -13.98 13.53 -3.94
C LEU A 209 -14.67 12.57 -4.91
N ILE A 210 -14.50 12.79 -6.22
CA ILE A 210 -15.16 11.94 -7.22
C ILE A 210 -14.58 10.54 -7.21
N MET A 211 -13.26 10.40 -7.06
CA MET A 211 -12.62 9.10 -7.04
C MET A 211 -12.99 8.32 -5.78
N LEU A 212 -13.02 8.98 -4.63
CA LEU A 212 -13.38 8.31 -3.38
C LEU A 212 -14.85 7.91 -3.35
N ILE A 213 -15.73 8.68 -3.99
CA ILE A 213 -17.13 8.26 -4.05
C ILE A 213 -17.30 7.11 -5.03
N GLY A 214 -16.65 7.17 -6.20
CA GLY A 214 -16.80 6.13 -7.18
C GLY A 214 -16.09 4.84 -6.89
N ALA A 215 -15.17 4.80 -5.93
CA ALA A 215 -14.48 3.56 -5.60
C ALA A 215 -15.23 2.69 -4.59
N LEU A 216 -16.34 3.16 -4.03
CA LEU A 216 -17.14 2.35 -3.11
C LEU A 216 -18.24 1.58 -3.82
N ILE A 217 -18.77 2.14 -4.91
CA ILE A 217 -19.80 1.46 -5.69
C ILE A 217 -19.23 0.23 -6.36
N LEU A 218 -17.96 0.25 -6.76
CA LEU A 218 -17.36 -0.94 -7.37
C LEU A 218 -17.14 -2.04 -6.34
N MET A 219 -16.83 -1.68 -5.10
CA MET A 219 -16.75 -2.69 -4.04
C MET A 219 -18.12 -3.29 -3.75
N GLY A 220 -19.17 -2.46 -3.74
CA GLY A 220 -20.51 -2.97 -3.56
C GLY A 220 -21.00 -3.84 -4.70
N PHE A 221 -20.55 -3.55 -5.92
CA PHE A 221 -20.88 -4.42 -7.05
C PHE A 221 -20.08 -5.71 -7.01
N ALA A 222 -18.85 -5.65 -6.49
CA ALA A 222 -17.99 -6.83 -6.50
C ALA A 222 -18.40 -7.85 -5.45
N PHE A 223 -18.73 -7.38 -4.24
CA PHE A 223 -19.08 -8.33 -3.18
C PHE A 223 -20.46 -8.94 -3.32
N HIS A 224 -21.25 -8.48 -4.29
CA HIS A 224 -22.53 -9.09 -4.61
C HIS A 224 -22.41 -10.19 -5.66
N GLU A 225 -21.33 -10.18 -6.44
CA GLU A 225 -21.18 -11.14 -7.52
C GLU A 225 -20.68 -12.48 -7.03
N VAL A 226 -19.76 -12.50 -6.07
CA VAL A 226 -19.26 -13.77 -5.56
C VAL A 226 -20.23 -14.39 -4.57
N GLY A 227 -21.01 -13.58 -3.87
CA GLY A 227 -22.06 -14.11 -3.02
C GLY A 227 -21.85 -13.92 -1.53
N GLY A 228 -21.22 -12.84 -1.12
CA GLY A 228 -21.09 -12.51 0.28
C GLY A 228 -19.64 -12.42 0.71
N TYR A 229 -19.40 -12.68 1.99
CA TYR A 229 -18.06 -12.64 2.55
C TYR A 229 -17.51 -14.02 2.92
N ASP A 230 -18.35 -15.02 3.10
CA ASP A 230 -17.83 -16.36 3.36
C ASP A 230 -17.52 -17.12 2.07
N ALA A 231 -18.32 -16.92 1.04
CA ALA A 231 -18.01 -17.54 -0.25
C ALA A 231 -16.80 -16.90 -0.91
N PHE A 232 -16.52 -15.64 -0.57
CA PHE A 232 -15.29 -15.00 -1.04
C PHE A 232 -14.07 -15.65 -0.42
N MET A 233 -14.17 -16.09 0.83
CA MET A 233 -13.06 -16.82 1.44
C MET A 233 -12.95 -18.23 0.88
N GLU A 234 -14.07 -18.90 0.69
CA GLU A 234 -14.04 -20.29 0.25
C GLU A 234 -13.68 -20.45 -1.22
N LYS A 235 -13.90 -19.44 -2.05
CA LYS A 235 -13.67 -19.57 -3.48
C LYS A 235 -12.30 -19.10 -3.93
N TYR A 236 -11.60 -18.31 -3.11
CA TYR A 236 -10.30 -17.78 -3.51
C TYR A 236 -9.23 -18.87 -3.50
N MET A 237 -9.42 -19.93 -2.73
CA MET A 237 -8.43 -20.98 -2.60
C MET A 237 -8.55 -22.06 -3.68
N LYS A 238 -9.31 -21.81 -4.74
CA LYS A 238 -9.43 -22.76 -5.84
C LYS A 238 -9.37 -22.06 -7.19
N ALA A 239 -8.72 -20.90 -7.26
CA ALA A 239 -8.68 -20.11 -8.48
C ALA A 239 -7.40 -20.43 -9.24
N ILE A 240 -7.47 -21.42 -10.13
CA ILE A 240 -6.31 -21.87 -10.88
C ILE A 240 -6.62 -21.77 -12.37
N PRO A 241 -5.63 -21.64 -13.26
CA PRO A 241 -5.89 -21.69 -14.69
C PRO A 241 -6.11 -23.10 -15.18
N THR A 242 -6.85 -23.21 -16.29
CA THR A 242 -7.18 -24.51 -16.85
C THR A 242 -6.24 -24.94 -17.97
N ILE A 243 -5.35 -24.08 -18.43
CA ILE A 243 -4.30 -24.45 -19.39
C ILE A 243 -2.99 -24.43 -18.61
N VAL A 244 -2.58 -25.58 -18.11
CA VAL A 244 -1.40 -25.68 -17.26
C VAL A 244 -0.21 -26.30 -17.96
N SER A 245 -0.40 -26.95 -19.09
CA SER A 245 0.65 -27.70 -19.76
C SER A 245 1.22 -26.94 -20.95
N ASP A 246 2.49 -27.18 -21.23
CA ASP A 246 3.12 -26.73 -22.45
C ASP A 246 2.98 -27.84 -23.49
N GLY A 247 3.75 -27.77 -24.57
CA GLY A 247 3.77 -28.89 -25.52
C GLY A 247 4.32 -30.16 -24.90
N ASN A 248 5.38 -30.03 -24.09
CA ASN A 248 5.90 -31.17 -23.34
C ASN A 248 6.26 -30.86 -21.90
N THR A 249 6.25 -29.60 -21.47
CA THR A 249 6.73 -29.20 -20.15
C THR A 249 5.53 -28.92 -19.25
N THR A 250 5.10 -29.94 -18.51
CA THR A 250 4.00 -29.79 -17.57
C THR A 250 4.47 -28.98 -16.36
N PHE A 251 3.69 -27.99 -15.98
CA PHE A 251 4.13 -27.05 -14.96
C PHE A 251 3.85 -27.59 -13.56
N GLN A 252 4.51 -26.98 -12.58
CA GLN A 252 4.52 -27.48 -11.22
C GLN A 252 3.20 -27.20 -10.52
N GLU A 253 2.97 -27.94 -9.44
CA GLU A 253 1.70 -27.85 -8.71
C GLU A 253 1.65 -26.59 -7.87
N LYS A 254 2.78 -26.17 -7.32
CA LYS A 254 2.85 -25.04 -6.42
C LYS A 254 3.01 -23.72 -7.15
N CYS A 255 3.02 -23.74 -8.47
CA CYS A 255 3.35 -22.55 -9.24
C CYS A 255 2.15 -21.66 -9.54
N TYR A 256 0.94 -22.17 -9.46
CA TYR A 256 -0.25 -21.36 -9.72
C TYR A 256 -1.32 -21.42 -8.64
N THR A 257 -1.26 -22.38 -7.71
CA THR A 257 -2.22 -22.42 -6.62
C THR A 257 -1.92 -21.31 -5.62
N PRO A 258 -2.93 -20.78 -4.93
CA PRO A 258 -2.68 -19.72 -3.96
C PRO A 258 -1.93 -20.24 -2.73
N ARG A 259 -1.33 -19.31 -2.01
CA ARG A 259 -0.45 -19.63 -0.90
C ARG A 259 -1.25 -20.20 0.27
N ALA A 260 -0.55 -20.88 1.17
CA ALA A 260 -1.21 -21.45 2.33
C ALA A 260 -1.49 -20.42 3.41
N ASP A 261 -0.81 -19.28 3.39
CA ASP A 261 -1.12 -18.17 4.30
C ASP A 261 -1.46 -16.96 3.45
N SER A 262 -2.71 -16.90 3.01
CA SER A 262 -3.19 -15.75 2.27
C SER A 262 -4.02 -14.82 3.12
N PHE A 263 -4.40 -15.24 4.32
CA PHE A 263 -5.23 -14.43 5.20
C PHE A 263 -4.52 -14.07 6.50
N HIS A 264 -3.18 -14.10 6.50
CA HIS A 264 -2.38 -13.65 7.62
C HIS A 264 -1.81 -12.27 7.33
N ILE A 265 -1.69 -11.45 8.35
CA ILE A 265 -1.03 -10.15 8.22
C ILE A 265 0.46 -10.27 8.52
N PHE A 266 0.82 -10.87 9.64
CA PHE A 266 2.21 -11.09 10.01
C PHE A 266 2.62 -12.50 9.62
N ARG A 267 3.60 -12.61 8.72
CA ARG A 267 4.00 -13.88 8.13
C ARG A 267 5.31 -14.36 8.73
N ASP A 268 5.83 -15.46 8.18
CA ASP A 268 7.02 -16.10 8.71
C ASP A 268 8.25 -15.24 8.46
N PRO A 269 9.10 -15.00 9.46
CA PRO A 269 10.29 -14.17 9.24
C PRO A 269 11.45 -14.87 8.54
N LEU A 270 11.28 -16.10 8.05
CA LEU A 270 12.40 -16.80 7.45
C LEU A 270 12.05 -17.40 6.10
N THR A 271 10.78 -17.75 5.88
CA THR A 271 10.39 -18.45 4.67
C THR A 271 9.17 -17.87 3.96
N GLY A 272 8.55 -16.84 4.50
CA GLY A 272 7.39 -16.23 3.89
C GLY A 272 7.73 -14.88 3.29
N ASP A 273 7.07 -14.53 2.19
CA ASP A 273 7.26 -13.22 1.59
C ASP A 273 6.56 -12.17 2.44
N LEU A 274 7.09 -10.94 2.39
CA LEU A 274 6.78 -9.81 3.26
C LEU A 274 6.85 -10.19 4.73
N PRO A 275 8.02 -10.50 5.28
CA PRO A 275 8.08 -10.99 6.65
C PRO A 275 7.94 -9.88 7.66
N TRP A 276 7.42 -10.22 8.84
CA TRP A 276 7.04 -9.21 9.82
C TRP A 276 8.15 -8.36 10.45
N PRO A 277 9.43 -8.74 10.52
CA PRO A 277 10.43 -7.72 10.88
C PRO A 277 10.65 -6.68 9.81
N GLY A 278 10.77 -7.10 8.55
CA GLY A 278 10.94 -6.15 7.47
C GLY A 278 9.73 -5.26 7.29
N PHE A 279 8.54 -5.85 7.40
CA PHE A 279 7.26 -5.17 7.24
C PHE A 279 7.04 -4.04 8.24
N ILE A 280 7.73 -4.07 9.38
CA ILE A 280 7.61 -3.01 10.38
C ILE A 280 8.79 -2.05 10.34
N PHE A 281 10.02 -2.56 10.20
CA PHE A 281 11.17 -1.67 10.29
C PHE A 281 11.59 -1.08 8.94
N GLY A 282 11.66 -1.89 7.89
CA GLY A 282 12.13 -1.38 6.60
C GLY A 282 11.16 -0.42 5.96
N LEU A 283 9.86 -0.63 6.16
CA LEU A 283 8.88 0.32 5.64
C LEU A 283 8.93 1.64 6.39
N THR A 284 9.26 1.63 7.68
CA THR A 284 9.43 2.86 8.42
C THR A 284 10.65 3.64 7.93
N ILE A 285 11.75 2.93 7.66
CA ILE A 285 12.95 3.59 7.14
C ILE A 285 12.70 4.14 5.73
N LEU A 286 11.93 3.43 4.91
CA LEU A 286 11.61 3.92 3.57
C LEU A 286 10.57 5.03 3.56
N ALA A 287 9.71 5.12 4.57
CA ALA A 287 8.72 6.18 4.59
C ALA A 287 9.22 7.45 5.26
N LEU A 288 10.22 7.33 6.14
CA LEU A 288 10.79 8.51 6.77
C LEU A 288 11.55 9.37 5.77
N TRP A 289 12.12 8.77 4.74
CA TRP A 289 12.76 9.54 3.68
C TRP A 289 11.73 10.21 2.79
N TYR A 290 10.61 9.54 2.53
CA TYR A 290 9.67 10.01 1.53
C TYR A 290 8.75 11.08 2.06
N TRP A 291 8.30 10.98 3.31
CA TRP A 291 7.31 11.93 3.79
C TRP A 291 7.91 13.20 4.37
N CYS A 292 9.16 13.16 4.84
CA CYS A 292 9.72 14.31 5.54
C CYS A 292 10.87 15.00 4.81
N THR A 293 11.55 14.32 3.89
CA THR A 293 12.66 14.90 3.15
C THR A 293 12.34 15.03 1.67
N ASP A 294 11.08 15.28 1.33
CA ASP A 294 10.70 15.51 -0.04
C ASP A 294 10.72 17.00 -0.33
N GLN A 295 10.35 17.38 -1.54
CA GLN A 295 10.33 18.78 -1.93
C GLN A 295 8.94 19.33 -2.17
N VAL A 296 8.06 18.55 -2.81
CA VAL A 296 6.71 19.06 -3.08
C VAL A 296 5.86 19.05 -1.82
N ILE A 297 6.02 18.01 -0.99
CA ILE A 297 5.21 17.89 0.22
C ILE A 297 5.59 18.95 1.25
N VAL A 298 6.89 19.21 1.39
CA VAL A 298 7.35 20.18 2.36
C VAL A 298 6.98 21.60 1.95
N GLN A 299 7.08 21.91 0.66
CA GLN A 299 6.63 23.23 0.21
C GLN A 299 5.12 23.35 0.16
N ARG A 300 4.40 22.23 0.13
CA ARG A 300 2.95 22.28 0.29
C ARG A 300 2.57 22.63 1.72
N CYS A 301 3.23 21.99 2.69
CA CYS A 301 2.91 22.25 4.10
C CYS A 301 3.44 23.58 4.58
N LEU A 302 4.52 24.09 3.99
CA LEU A 302 5.10 25.34 4.43
C LEU A 302 4.34 26.57 3.93
N ALA A 303 3.35 26.39 3.05
CA ALA A 303 2.60 27.49 2.48
C ALA A 303 1.25 27.70 3.14
N ALA A 304 1.07 27.18 4.35
CA ALA A 304 -0.20 27.30 5.04
C ALA A 304 -0.31 28.67 5.70
N LYS A 305 -1.47 28.94 6.29
CA LYS A 305 -1.72 30.25 6.89
C LYS A 305 -1.16 30.34 8.29
N ASN A 306 -1.30 29.28 9.07
CA ASN A 306 -0.98 29.29 10.49
C ASN A 306 -0.29 27.97 10.83
N MET A 307 -0.17 27.68 12.11
CA MET A 307 0.34 26.40 12.57
C MET A 307 -0.77 25.43 12.98
N SER A 308 -2.01 25.90 13.07
CA SER A 308 -3.12 24.99 13.32
C SER A 308 -3.58 24.30 12.06
N HIS A 309 -3.39 24.93 10.90
CA HIS A 309 -3.90 24.38 9.66
C HIS A 309 -3.00 23.27 9.12
N VAL A 310 -1.71 23.30 9.41
CA VAL A 310 -0.82 22.19 9.06
C VAL A 310 -1.22 20.93 9.82
N LYS A 311 -1.57 21.08 11.10
CA LYS A 311 -1.96 19.93 11.90
C LYS A 311 -3.34 19.41 11.52
N GLY A 312 -4.27 20.31 11.16
CA GLY A 312 -5.56 19.86 10.65
C GLY A 312 -5.44 19.11 9.34
N GLY A 313 -4.57 19.57 8.45
CA GLY A 313 -4.33 18.86 7.21
C GLY A 313 -3.61 17.54 7.39
N CYS A 314 -2.79 17.43 8.44
CA CYS A 314 -2.16 16.13 8.72
C CYS A 314 -3.11 15.15 9.40
N ILE A 315 -4.15 15.64 10.08
CA ILE A 315 -5.12 14.72 10.68
C ILE A 315 -6.11 14.20 9.64
N LEU A 316 -6.53 15.06 8.70
CA LEU A 316 -7.54 14.64 7.72
C LEU A 316 -7.02 13.56 6.77
N ALA A 317 -5.78 13.68 6.31
CA ALA A 317 -5.22 12.64 5.44
C ALA A 317 -4.98 11.33 6.18
N GLY A 318 -4.63 11.41 7.46
CA GLY A 318 -4.51 10.21 8.27
C GLY A 318 -5.82 9.51 8.49
N TYR A 319 -6.92 10.27 8.58
CA TYR A 319 -8.22 9.62 8.64
C TYR A 319 -8.60 9.01 7.30
N LEU A 320 -8.18 9.63 6.20
CA LEU A 320 -8.51 9.08 4.89
C LEU A 320 -7.68 7.87 4.50
N LYS A 321 -6.52 7.67 5.12
CA LYS A 321 -5.64 6.57 4.72
C LYS A 321 -5.95 5.26 5.45
N LEU A 322 -7.17 5.06 5.95
CA LEU A 322 -7.57 3.80 6.55
C LEU A 322 -8.37 2.92 5.59
N LEU A 323 -8.84 3.48 4.49
CA LEU A 323 -9.67 2.86 3.46
C LEU A 323 -9.02 1.92 2.42
N PRO A 324 -7.79 2.13 1.91
CA PRO A 324 -7.32 1.28 0.80
C PRO A 324 -7.07 -0.19 1.12
N MET A 325 -7.29 -0.66 2.35
CA MET A 325 -7.33 -2.11 2.53
C MET A 325 -8.65 -2.66 2.03
N PHE A 326 -9.76 -2.00 2.35
CA PHE A 326 -11.07 -2.48 1.94
C PHE A 326 -11.46 -2.02 0.56
N ILE A 327 -10.88 -0.94 0.05
CA ILE A 327 -11.32 -0.40 -1.23
C ILE A 327 -10.50 -0.97 -2.40
N MET A 328 -9.19 -1.12 -2.26
CA MET A 328 -8.37 -1.48 -3.40
C MET A 328 -7.71 -2.85 -3.33
N VAL A 329 -7.46 -3.41 -2.14
CA VAL A 329 -6.80 -4.70 -2.08
C VAL A 329 -7.80 -5.82 -2.32
N MET A 330 -8.95 -5.78 -1.66
CA MET A 330 -9.93 -6.85 -1.75
C MET A 330 -10.67 -6.99 -3.09
N PRO A 331 -10.90 -5.92 -3.88
CA PRO A 331 -11.31 -6.16 -5.28
C PRO A 331 -10.27 -6.81 -6.17
N GLY A 332 -8.98 -6.82 -5.80
CA GLY A 332 -8.02 -7.60 -6.56
C GLY A 332 -8.27 -9.10 -6.46
N MET A 333 -8.64 -9.57 -5.27
CA MET A 333 -8.95 -10.98 -5.11
C MET A 333 -10.24 -11.37 -5.82
N ILE A 334 -11.23 -10.46 -5.82
CA ILE A 334 -12.47 -10.68 -6.58
C ILE A 334 -12.16 -10.77 -8.07
N SER A 335 -11.24 -9.93 -8.54
CA SER A 335 -10.86 -10.00 -9.95
C SER A 335 -10.10 -11.28 -10.28
N ARG A 336 -9.38 -11.86 -9.33
CA ARG A 336 -8.78 -13.16 -9.61
C ARG A 336 -9.83 -14.26 -9.62
N ILE A 337 -10.83 -14.18 -8.73
CA ILE A 337 -11.86 -15.21 -8.64
C ILE A 337 -12.71 -15.25 -9.90
N LEU A 338 -13.10 -14.08 -10.42
CA LEU A 338 -14.06 -14.04 -11.52
C LEU A 338 -13.43 -14.41 -12.87
N PHE A 339 -12.25 -13.87 -13.17
CA PHE A 339 -11.56 -14.10 -14.45
C PHE A 339 -10.22 -14.76 -14.19
N PRO A 340 -10.18 -16.09 -14.03
CA PRO A 340 -8.93 -16.74 -13.62
C PRO A 340 -7.96 -17.05 -14.75
N ASP A 341 -8.43 -17.18 -15.99
CA ASP A 341 -7.53 -17.51 -17.09
C ASP A 341 -6.73 -16.32 -17.60
N LYS A 342 -7.16 -15.10 -17.31
CA LYS A 342 -6.38 -13.93 -17.67
C LYS A 342 -5.46 -13.48 -16.54
N VAL A 343 -6.02 -13.30 -15.35
CA VAL A 343 -5.28 -12.73 -14.23
C VAL A 343 -4.31 -13.73 -13.62
N ALA A 344 -4.53 -15.03 -13.80
CA ALA A 344 -3.66 -16.03 -13.19
C ALA A 344 -3.12 -17.00 -14.23
N CYS A 345 -2.63 -16.49 -15.36
CA CYS A 345 -2.04 -17.35 -16.37
C CYS A 345 -0.63 -17.76 -15.96
N VAL A 346 -0.22 -18.94 -16.40
CA VAL A 346 1.11 -19.45 -16.06
C VAL A 346 1.93 -19.89 -17.26
N VAL A 347 1.34 -20.28 -18.39
CA VAL A 347 2.10 -20.82 -19.51
C VAL A 347 2.49 -19.67 -20.44
N PRO A 348 3.76 -19.56 -20.85
CA PRO A 348 4.23 -18.33 -21.51
C PRO A 348 3.71 -18.12 -22.92
N SER A 349 3.22 -19.16 -23.60
CA SER A 349 2.59 -18.94 -24.89
C SER A 349 1.21 -18.34 -24.78
N GLU A 350 0.64 -18.28 -23.59
CA GLU A 350 -0.68 -17.71 -23.34
C GLU A 350 -0.64 -16.39 -22.61
N CYS A 351 0.37 -16.13 -21.79
CA CYS A 351 0.46 -14.86 -21.09
C CYS A 351 0.89 -13.72 -22.00
N GLU A 352 1.52 -14.02 -23.14
CA GLU A 352 1.92 -12.97 -24.07
C GLU A 352 0.75 -12.48 -24.91
N LYS A 353 -0.29 -13.30 -25.03
CA LYS A 353 -1.44 -12.93 -25.85
C LYS A 353 -2.31 -11.90 -25.15
N TYR A 354 -2.45 -12.08 -23.84
CA TYR A 354 -3.25 -11.23 -22.98
C TYR A 354 -2.61 -9.94 -22.54
N CYS A 355 -1.48 -9.99 -21.86
CA CYS A 355 -0.86 -8.72 -21.44
C CYS A 355 0.45 -8.24 -22.06
N GLY A 356 0.94 -8.87 -23.10
CA GLY A 356 2.16 -8.44 -23.76
C GLY A 356 3.52 -8.83 -23.22
N THR A 357 3.60 -9.58 -22.15
CA THR A 357 4.88 -9.99 -21.59
C THR A 357 4.83 -11.46 -21.26
N LYS A 358 5.95 -12.15 -21.28
CA LYS A 358 5.91 -13.58 -21.00
C LYS A 358 6.26 -14.01 -19.59
N VAL A 359 6.24 -13.08 -18.65
CA VAL A 359 6.51 -13.41 -17.27
C VAL A 359 5.28 -13.62 -16.37
N GLY A 360 4.36 -12.67 -16.32
CA GLY A 360 3.18 -12.79 -15.49
C GLY A 360 2.15 -11.77 -15.89
N CYS A 361 0.91 -11.90 -15.48
CA CYS A 361 -0.09 -10.95 -15.89
C CYS A 361 -0.92 -10.40 -14.75
N THR A 362 -0.35 -10.15 -13.59
CA THR A 362 -1.21 -9.73 -12.49
C THR A 362 -1.54 -8.24 -12.59
N ASN A 363 -0.83 -7.49 -13.45
CA ASN A 363 -0.97 -6.02 -13.47
C ASN A 363 -2.32 -5.57 -14.01
N ILE A 364 -3.06 -6.45 -14.67
CA ILE A 364 -4.31 -6.08 -15.30
C ILE A 364 -5.48 -6.48 -14.41
N ALA A 365 -5.25 -6.60 -13.11
CA ALA A 365 -6.28 -7.08 -12.20
C ALA A 365 -7.37 -6.03 -11.97
N TYR A 366 -6.98 -4.81 -11.67
CA TYR A 366 -7.97 -3.75 -11.45
C TYR A 366 -8.56 -3.10 -12.71
N PRO A 367 -7.82 -2.82 -13.80
CA PRO A 367 -8.49 -2.32 -15.00
C PRO A 367 -9.42 -3.33 -15.68
N THR A 368 -9.35 -4.62 -15.37
CA THR A 368 -10.32 -5.54 -15.95
C THR A 368 -11.62 -5.52 -15.16
N LEU A 369 -11.57 -5.17 -13.88
CA LEU A 369 -12.79 -5.11 -13.09
C LEU A 369 -13.63 -3.88 -13.40
N VAL A 370 -13.00 -2.76 -13.78
CA VAL A 370 -13.74 -1.54 -14.05
C VAL A 370 -14.47 -1.63 -15.37
N VAL A 371 -13.83 -2.24 -16.38
CA VAL A 371 -14.41 -2.31 -17.71
C VAL A 371 -15.57 -3.31 -17.75
N GLU A 372 -15.49 -4.39 -17.00
CA GLU A 372 -16.38 -5.52 -17.20
C GLU A 372 -17.39 -5.72 -16.06
N LEU A 373 -17.56 -4.72 -15.19
CA LEU A 373 -18.59 -4.83 -14.17
C LEU A 373 -19.44 -3.56 -14.04
N MET A 374 -18.89 -2.41 -14.37
CA MET A 374 -19.59 -1.15 -14.19
C MET A 374 -20.66 -0.98 -15.26
N PRO A 375 -21.73 -0.23 -14.96
CA PRO A 375 -22.76 0.05 -15.98
C PRO A 375 -22.32 1.04 -17.04
N ASN A 376 -23.24 1.44 -17.92
CA ASN A 376 -22.88 2.23 -19.09
C ASN A 376 -22.52 3.68 -18.76
N GLY A 377 -22.87 4.18 -17.58
CA GLY A 377 -22.60 5.56 -17.28
C GLY A 377 -21.29 5.80 -16.58
N LEU A 378 -21.02 5.07 -15.51
CA LEU A 378 -19.85 5.32 -14.68
C LEU A 378 -18.56 4.77 -15.27
N ARG A 379 -18.67 3.89 -16.28
CA ARG A 379 -17.52 3.23 -16.86
C ARG A 379 -16.60 4.23 -17.57
N GLY A 380 -17.15 5.31 -18.09
CA GLY A 380 -16.34 6.35 -18.70
C GLY A 380 -15.81 7.35 -17.68
N LEU A 381 -16.60 7.64 -16.66
CA LEU A 381 -16.19 8.59 -15.64
C LEU A 381 -15.02 8.07 -14.81
N MET A 382 -14.97 6.76 -14.54
CA MET A 382 -13.84 6.22 -13.79
C MET A 382 -12.53 6.30 -14.58
N LEU A 383 -12.59 6.00 -15.88
CA LEU A 383 -11.39 6.11 -16.71
C LEU A 383 -10.94 7.56 -16.85
N ALA A 384 -11.89 8.49 -16.96
CA ALA A 384 -11.54 9.91 -17.03
C ALA A 384 -10.90 10.39 -15.74
N VAL A 385 -11.40 9.94 -14.59
CA VAL A 385 -10.83 10.33 -13.30
C VAL A 385 -9.42 9.78 -13.15
N MET A 386 -9.20 8.53 -13.57
CA MET A 386 -7.87 7.93 -13.45
C MET A 386 -6.84 8.62 -14.35
N LEU A 387 -7.22 8.98 -15.58
CA LEU A 387 -6.28 9.67 -16.45
C LEU A 387 -6.00 11.11 -16.00
N ALA A 388 -7.04 11.81 -15.54
CA ALA A 388 -6.82 13.18 -15.07
C ALA A 388 -6.05 13.23 -13.75
N ALA A 389 -6.06 12.15 -12.98
CA ALA A 389 -5.17 12.07 -11.83
C ALA A 389 -3.78 11.61 -12.21
N LEU A 390 -3.61 10.97 -13.38
CA LEU A 390 -2.28 10.58 -13.81
C LEU A 390 -1.50 11.68 -14.52
N MET A 391 -2.18 12.70 -15.06
CA MET A 391 -1.44 13.74 -15.79
C MET A 391 -0.86 14.86 -14.92
N SER A 392 -1.54 15.19 -13.80
CA SER A 392 -1.07 16.29 -12.97
C SER A 392 0.23 15.96 -12.24
N SER A 393 0.39 14.69 -11.92
CA SER A 393 1.59 14.27 -11.29
C SER A 393 2.67 14.54 -12.25
N LEU A 394 2.51 14.15 -13.51
CA LEU A 394 3.57 14.33 -14.49
C LEU A 394 3.96 15.76 -14.63
N THR A 395 3.02 16.69 -14.76
CA THR A 395 3.42 18.08 -14.87
C THR A 395 4.12 18.55 -13.60
N SER A 396 3.69 18.12 -12.42
CA SER A 396 4.37 18.50 -11.20
C SER A 396 5.78 18.02 -11.21
N ILE A 397 6.02 16.79 -11.65
CA ILE A 397 7.39 16.35 -11.70
C ILE A 397 8.18 17.10 -12.73
N PHE A 398 7.60 17.46 -13.87
CA PHE A 398 8.43 18.10 -14.89
C PHE A 398 8.86 19.47 -14.50
N ASN A 399 8.04 20.15 -13.73
CA ASN A 399 8.40 21.49 -13.24
C ASN A 399 9.45 21.44 -12.14
N SER A 400 9.31 20.49 -11.20
CA SER A 400 10.27 20.40 -10.09
C SER A 400 11.66 20.00 -10.57
N ALA A 401 11.75 19.05 -11.51
CA ALA A 401 13.05 18.64 -12.00
C ALA A 401 13.71 19.71 -12.86
N SER A 402 12.92 20.50 -13.60
CA SER A 402 13.50 21.60 -14.37
C SER A 402 14.10 22.67 -13.46
N THR A 403 13.38 23.03 -12.39
CA THR A 403 13.93 23.99 -11.41
C THR A 403 15.18 23.44 -10.74
N LEU A 404 15.17 22.16 -10.37
CA LEU A 404 16.30 21.55 -9.66
C LEU A 404 17.53 21.42 -10.54
N PHE A 405 17.37 21.25 -11.85
CA PHE A 405 18.56 21.22 -12.70
C PHE A 405 19.08 22.61 -13.00
N THR A 406 18.19 23.58 -13.26
CA THR A 406 18.66 24.88 -13.71
C THR A 406 19.28 25.67 -12.56
N MET A 407 18.70 25.60 -11.36
CA MET A 407 19.18 26.48 -10.30
C MET A 407 20.45 25.96 -9.62
N ASP A 408 20.57 24.64 -9.42
CA ASP A 408 21.55 24.11 -8.48
C ASP A 408 22.74 23.40 -9.12
N ILE A 409 22.73 23.12 -10.41
CA ILE A 409 23.85 22.45 -11.08
C ILE A 409 24.41 23.30 -12.21
N TYR A 410 23.54 23.78 -13.10
CA TYR A 410 24.00 24.51 -14.28
C TYR A 410 24.43 25.93 -13.95
N ALA A 411 23.79 26.57 -12.97
CA ALA A 411 24.15 27.93 -12.61
C ALA A 411 25.40 28.02 -11.74
N LYS A 412 25.95 26.89 -11.30
CA LYS A 412 27.19 26.86 -10.55
C LYS A 412 28.39 26.51 -11.41
N VAL A 413 28.21 26.43 -12.73
CA VAL A 413 29.30 26.19 -13.65
C VAL A 413 29.65 27.46 -14.43
N ARG A 414 28.65 28.21 -14.88
CA ARG A 414 28.86 29.37 -15.73
C ARG A 414 28.84 30.70 -14.98
N LYS A 415 27.92 30.86 -14.03
CA LYS A 415 27.80 31.95 -13.06
C LYS A 415 27.49 33.32 -13.66
N ARG A 416 27.38 33.46 -14.98
CA ARG A 416 27.11 34.74 -15.61
C ARG A 416 26.10 34.58 -16.74
N ALA A 417 25.03 33.85 -16.47
CA ALA A 417 24.02 33.54 -17.48
C ALA A 417 22.82 34.47 -17.33
N SER A 418 22.25 34.87 -18.47
CA SER A 418 21.10 35.76 -18.49
C SER A 418 19.82 34.95 -18.29
N GLU A 419 18.67 35.57 -18.57
CA GLU A 419 17.39 34.90 -18.37
C GLU A 419 16.94 34.09 -19.58
N LYS A 420 17.26 34.54 -20.79
CA LYS A 420 16.90 33.80 -22.00
C LYS A 420 17.63 32.47 -22.08
N GLU A 421 18.92 32.47 -21.73
CA GLU A 421 19.71 31.25 -21.74
C GLU A 421 19.19 30.25 -20.71
N LEU A 422 18.83 30.74 -19.52
CA LEU A 422 18.27 29.84 -18.51
C LEU A 422 16.89 29.33 -18.90
N MET A 423 16.10 30.13 -19.63
CA MET A 423 14.81 29.65 -20.11
C MET A 423 14.95 28.55 -21.14
N ILE A 424 15.86 28.71 -22.10
CA ILE A 424 16.01 27.65 -23.11
C ILE A 424 16.72 26.42 -22.54
N VAL A 425 17.55 26.60 -21.50
CA VAL A 425 18.15 25.44 -20.85
C VAL A 425 17.10 24.67 -20.05
N GLY A 426 16.22 25.39 -19.35
CA GLY A 426 15.13 24.75 -18.64
C GLY A 426 14.10 24.10 -19.54
N ARG A 427 13.97 24.56 -20.79
CA ARG A 427 13.03 23.93 -21.70
C ARG A 427 13.65 22.85 -22.58
N LEU A 428 14.96 22.78 -22.69
CA LEU A 428 15.60 21.71 -23.45
C LEU A 428 16.03 20.53 -22.59
N PHE A 429 15.52 20.42 -21.37
CA PHE A 429 15.88 19.35 -20.45
C PHE A 429 14.78 18.30 -20.31
N VAL A 430 13.51 18.74 -20.34
CA VAL A 430 12.41 17.80 -20.20
C VAL A 430 12.29 16.89 -21.41
N LEU A 431 12.78 17.31 -22.58
CA LEU A 431 12.83 16.43 -23.74
C LEU A 431 13.81 15.27 -23.51
N PHE A 432 14.95 15.57 -22.90
CA PHE A 432 15.93 14.55 -22.55
C PHE A 432 15.38 13.59 -21.51
N LEU A 433 14.65 14.12 -20.52
CA LEU A 433 14.01 13.26 -19.52
C LEU A 433 12.98 12.32 -20.12
N VAL A 434 12.15 12.83 -21.03
CA VAL A 434 11.12 12.03 -21.68
C VAL A 434 11.73 10.91 -22.51
N VAL A 435 12.80 11.23 -23.27
CA VAL A 435 13.43 10.23 -24.13
C VAL A 435 14.08 9.13 -23.30
N VAL A 436 14.75 9.50 -22.19
CA VAL A 436 15.40 8.51 -21.34
C VAL A 436 14.37 7.61 -20.64
N SER A 437 13.25 8.18 -20.18
CA SER A 437 12.25 7.36 -19.48
C SER A 437 11.53 6.41 -20.43
N ILE A 438 11.20 6.86 -21.65
CA ILE A 438 10.58 5.98 -22.63
C ILE A 438 11.55 4.88 -23.06
N ALA A 439 12.85 5.17 -23.09
CA ALA A 439 13.81 4.09 -23.36
C ALA A 439 13.93 3.12 -22.20
N TRP A 440 13.68 3.58 -20.98
CA TRP A 440 13.83 2.71 -19.81
C TRP A 440 12.64 1.78 -19.57
N ILE A 441 11.45 2.16 -20.03
CA ILE A 441 10.18 1.42 -19.82
C ILE A 441 10.20 -0.10 -20.01
N PRO A 442 10.80 -0.72 -21.07
CA PRO A 442 10.70 -2.20 -21.18
C PRO A 442 11.51 -3.02 -20.17
N ILE A 443 12.14 -2.38 -19.19
CA ILE A 443 12.68 -3.09 -18.04
C ILE A 443 11.71 -3.02 -16.85
N VAL A 444 10.79 -2.06 -16.83
CA VAL A 444 9.80 -1.97 -15.76
C VAL A 444 8.80 -3.12 -15.85
N GLN A 445 8.41 -3.50 -17.05
CA GLN A 445 7.33 -4.46 -17.23
C GLN A 445 7.78 -5.92 -17.17
N SER A 446 9.03 -6.18 -16.80
CA SER A 446 9.48 -7.56 -16.67
C SER A 446 10.34 -7.78 -15.45
N ALA A 447 10.26 -6.92 -14.44
CA ALA A 447 11.09 -7.01 -13.25
C ALA A 447 10.28 -7.54 -12.08
N GLN A 448 10.96 -8.33 -11.22
CA GLN A 448 10.39 -8.95 -10.02
C GLN A 448 9.17 -9.81 -10.34
N SER A 449 9.29 -10.61 -11.41
CA SER A 449 8.29 -11.58 -11.86
C SER A 449 6.95 -10.95 -12.21
N GLY A 450 6.96 -9.70 -12.66
CA GLY A 450 5.77 -9.10 -13.22
C GLY A 450 4.87 -8.37 -12.25
N GLN A 451 5.42 -7.81 -11.18
CA GLN A 451 4.67 -7.02 -10.21
C GLN A 451 5.30 -5.65 -10.07
N LEU A 452 4.47 -4.64 -9.80
CA LEU A 452 4.95 -3.26 -9.76
C LEU A 452 5.15 -2.74 -8.35
N PHE A 453 4.65 -3.42 -7.33
CA PHE A 453 4.96 -3.04 -5.96
C PHE A 453 6.41 -3.37 -5.63
N ASP A 454 6.86 -4.57 -6.01
CA ASP A 454 8.19 -5.03 -5.67
C ASP A 454 9.28 -4.24 -6.39
N TYR A 455 9.01 -3.77 -7.62
CA TYR A 455 9.99 -3.00 -8.35
C TYR A 455 10.28 -1.66 -7.66
N ILE A 456 9.22 -0.93 -7.32
CA ILE A 456 9.37 0.38 -6.68
C ILE A 456 10.00 0.24 -5.30
N GLN A 457 9.55 -0.74 -4.51
CA GLN A 457 10.12 -0.89 -3.18
C GLN A 457 11.56 -1.38 -3.21
N SER A 458 11.94 -2.20 -4.20
CA SER A 458 13.33 -2.65 -4.25
C SER A 458 14.28 -1.56 -4.72
N VAL A 459 13.87 -0.74 -5.69
CA VAL A 459 14.73 0.37 -6.12
C VAL A 459 14.88 1.41 -5.01
N SER A 460 13.79 1.69 -4.29
CA SER A 460 13.88 2.61 -3.15
C SER A 460 14.74 2.03 -2.03
N SER A 461 14.67 0.71 -1.80
CA SER A 461 15.48 0.10 -0.76
C SER A 461 16.95 0.09 -1.12
N TYR A 462 17.29 0.05 -2.40
CA TYR A 462 18.71 0.08 -2.74
C TYR A 462 19.27 1.48 -2.75
N LEU A 463 18.47 2.51 -3.03
CA LEU A 463 19.06 3.84 -3.17
C LEU A 463 18.77 4.82 -2.05
N ALA A 464 17.67 4.69 -1.30
CA ALA A 464 17.27 5.66 -0.29
C ALA A 464 17.93 5.66 1.09
N PRO A 465 18.17 4.53 1.79
CA PRO A 465 18.46 4.59 3.26
C PRO A 465 19.73 5.33 3.70
N PRO A 466 20.79 5.53 2.89
CA PRO A 466 21.89 6.38 3.37
C PRO A 466 21.53 7.85 3.60
N VAL A 467 20.43 8.35 3.07
CA VAL A 467 20.10 9.77 3.23
C VAL A 467 19.45 10.01 4.60
N ALA A 468 18.59 9.09 5.03
CA ALA A 468 17.84 9.28 6.27
C ALA A 468 18.73 9.22 7.50
N ALA A 469 19.77 8.39 7.49
CA ALA A 469 20.68 8.29 8.62
C ALA A 469 21.47 9.58 8.80
N VAL A 470 21.98 10.14 7.71
CA VAL A 470 22.74 11.39 7.76
C VAL A 470 21.82 12.55 8.12
N PHE A 471 20.54 12.50 7.70
CA PHE A 471 19.59 13.54 8.09
C PHE A 471 19.31 13.55 9.58
N LEU A 472 19.03 12.36 10.15
CA LEU A 472 18.75 12.28 11.58
C LEU A 472 19.97 12.60 12.43
N LEU A 473 21.15 12.13 12.01
CA LEU A 473 22.37 12.45 12.73
C LEU A 473 22.77 13.91 12.58
N ALA A 474 22.35 14.57 11.51
CA ALA A 474 22.61 16.01 11.40
C ALA A 474 21.70 16.80 12.32
N ILE A 475 20.45 16.36 12.47
CA ILE A 475 19.52 17.11 13.30
C ILE A 475 19.80 16.91 14.79
N PHE A 476 19.97 15.67 15.24
CA PHE A 476 19.88 15.42 16.67
C PHE A 476 21.20 15.45 17.42
N TRP A 477 22.34 15.13 16.81
CA TRP A 477 23.54 14.83 17.58
C TRP A 477 24.49 16.02 17.78
N LYS A 478 24.49 17.00 16.89
CA LYS A 478 25.15 18.31 17.03
C LYS A 478 26.68 18.24 16.94
N ARG A 479 27.27 17.05 16.86
CA ARG A 479 28.72 16.95 16.82
C ARG A 479 29.27 16.53 15.45
N VAL A 480 28.43 16.10 14.52
CA VAL A 480 28.92 15.71 13.20
C VAL A 480 29.33 16.96 12.41
N ASN A 481 30.31 16.78 11.53
CA ASN A 481 30.75 17.87 10.67
C ASN A 481 30.82 17.44 9.21
N GLU A 482 31.39 18.27 8.35
CA GLU A 482 31.30 18.06 6.91
C GLU A 482 32.18 16.91 6.43
N GLN A 483 33.19 16.53 7.21
CA GLN A 483 34.08 15.46 6.78
C GLN A 483 33.49 14.08 6.94
N GLY A 484 32.38 13.92 7.65
CA GLY A 484 31.81 12.61 7.87
C GLY A 484 30.61 12.30 7.01
N ALA A 485 29.78 13.31 6.78
CA ALA A 485 28.54 13.11 6.04
C ALA A 485 28.80 12.73 4.59
N PHE A 486 29.83 13.32 3.97
CA PHE A 486 30.13 13.04 2.58
C PHE A 486 30.58 11.60 2.36
N TRP A 487 31.45 11.10 3.25
CA TRP A 487 31.93 9.73 3.08
C TRP A 487 30.89 8.70 3.49
N GLY A 488 30.00 9.05 4.43
CA GLY A 488 28.85 8.20 4.70
C GLY A 488 27.95 8.02 3.49
N LEU A 489 27.63 9.14 2.83
CA LEU A 489 26.79 9.09 1.62
C LEU A 489 27.47 8.32 0.48
N ILE A 490 28.78 8.51 0.30
CA ILE A 490 29.49 7.85 -0.80
C ILE A 490 29.56 6.34 -0.60
N LEU A 491 29.85 5.88 0.62
CA LEU A 491 29.96 4.44 0.84
C LEU A 491 28.60 3.74 0.75
N GLY A 492 27.55 4.40 1.23
CA GLY A 492 26.21 3.84 1.03
C GLY A 492 25.81 3.76 -0.43
N LEU A 493 26.19 4.77 -1.22
CA LEU A 493 25.94 4.74 -2.66
C LEU A 493 26.67 3.59 -3.34
N LEU A 494 27.91 3.31 -2.92
CA LEU A 494 28.68 2.23 -3.53
C LEU A 494 28.03 0.87 -3.28
N LEU A 495 27.61 0.60 -2.04
CA LEU A 495 26.96 -0.69 -1.74
C LEU A 495 25.63 -0.86 -2.48
N GLY A 496 24.78 0.17 -2.44
CA GLY A 496 23.48 0.06 -3.10
C GLY A 496 23.59 -0.07 -4.61
N LEU A 497 24.55 0.63 -5.20
CA LEU A 497 24.72 0.57 -6.64
C LEU A 497 25.30 -0.76 -7.09
N SER A 498 26.15 -1.38 -6.26
CA SER A 498 26.64 -2.72 -6.55
C SER A 498 25.50 -3.73 -6.60
N ARG A 499 24.62 -3.71 -5.59
CA ARG A 499 23.50 -4.67 -5.58
C ARG A 499 22.52 -4.40 -6.72
N LEU A 500 22.29 -3.13 -7.05
CA LEU A 500 21.34 -2.81 -8.13
C LEU A 500 21.87 -3.20 -9.50
N ILE A 501 23.18 -3.10 -9.72
CA ILE A 501 23.74 -3.50 -11.00
C ILE A 501 23.77 -5.03 -11.11
N LEU A 502 24.11 -5.73 -10.02
CA LEU A 502 24.12 -7.18 -10.05
C LEU A 502 22.71 -7.78 -10.16
N GLU A 503 21.67 -7.03 -9.79
CA GLU A 503 20.32 -7.58 -9.84
C GLU A 503 19.77 -7.65 -11.26
N PHE A 504 20.05 -6.65 -12.09
CA PHE A 504 19.49 -6.58 -13.43
C PHE A 504 20.27 -7.37 -14.47
N ALA A 505 21.58 -7.50 -14.29
CA ALA A 505 22.38 -8.23 -15.27
C ALA A 505 22.26 -9.74 -15.14
N TYR A 506 21.70 -10.24 -14.04
CA TYR A 506 21.54 -11.67 -13.83
C TYR A 506 20.09 -12.12 -13.76
N GLY A 507 19.14 -11.21 -13.56
CA GLY A 507 17.76 -11.59 -13.42
C GLY A 507 17.42 -12.00 -12.01
N THR A 508 16.11 -12.08 -11.74
CA THR A 508 15.62 -12.40 -10.42
C THR A 508 15.36 -13.89 -10.23
N GLY A 509 14.86 -14.56 -11.27
CA GLY A 509 14.60 -15.98 -11.25
C GLY A 509 13.21 -16.27 -11.75
N SER A 510 12.80 -17.52 -11.61
CA SER A 510 11.48 -17.93 -12.06
C SER A 510 11.00 -19.07 -11.17
N CYS A 511 9.96 -19.75 -11.62
CA CYS A 511 9.33 -20.85 -10.89
C CYS A 511 10.05 -22.17 -11.12
N MET A 512 10.41 -22.46 -12.36
CA MET A 512 11.05 -23.73 -12.71
C MET A 512 12.57 -23.64 -12.75
N GLU A 513 13.12 -22.49 -13.12
CA GLU A 513 14.57 -22.31 -13.20
C GLU A 513 14.99 -21.15 -12.29
N PRO A 514 15.68 -21.41 -11.19
CA PRO A 514 16.14 -20.30 -10.33
C PRO A 514 17.30 -19.55 -10.97
N SER A 515 17.59 -18.39 -10.40
CA SER A 515 18.60 -17.49 -10.96
C SER A 515 19.98 -17.84 -10.42
N ASN A 516 20.99 -17.58 -11.24
CA ASN A 516 22.38 -17.84 -10.87
C ASN A 516 23.03 -16.58 -10.29
N CYS A 517 22.39 -16.01 -9.27
CA CYS A 517 22.91 -14.83 -8.60
C CYS A 517 23.96 -15.28 -7.58
N PRO A 518 24.97 -14.42 -7.27
CA PRO A 518 26.07 -14.85 -6.38
C PRO A 518 25.74 -15.19 -4.94
N THR A 519 24.46 -15.14 -4.53
CA THR A 519 23.86 -15.64 -3.26
C THR A 519 24.64 -15.27 -2.00
N ILE A 520 25.40 -14.17 -2.04
CA ILE A 520 26.01 -13.57 -0.86
C ILE A 520 25.46 -12.17 -0.64
N ILE A 521 25.53 -11.32 -1.66
CA ILE A 521 24.86 -10.02 -1.65
C ILE A 521 23.46 -10.11 -2.22
N CYS A 522 23.08 -11.26 -2.78
CA CYS A 522 21.84 -11.41 -3.54
C CYS A 522 20.85 -12.37 -2.89
N GLY A 523 21.15 -12.87 -1.70
CA GLY A 523 20.34 -13.92 -1.10
C GLY A 523 19.16 -13.48 -0.24
N VAL A 524 19.37 -12.45 0.59
CA VAL A 524 18.36 -12.00 1.54
C VAL A 524 17.23 -11.25 0.85
N HIS A 525 16.13 -11.05 1.56
CA HIS A 525 15.00 -10.25 1.07
C HIS A 525 15.44 -8.80 0.89
N TYR A 526 14.73 -8.07 0.03
CA TYR A 526 15.12 -6.70 -0.22
C TYR A 526 14.74 -5.73 0.90
N LEU A 527 13.99 -6.18 1.90
CA LEU A 527 13.71 -5.37 3.08
C LEU A 527 14.66 -5.68 4.22
N TYR A 528 15.46 -6.73 4.13
CA TYR A 528 16.55 -6.97 5.04
C TYR A 528 17.84 -6.28 4.59
N PHE A 529 17.81 -5.63 3.44
CA PHE A 529 18.94 -4.85 2.95
C PHE A 529 18.91 -3.41 3.44
N ALA A 530 17.70 -2.86 3.65
CA ALA A 530 17.56 -1.48 4.08
C ALA A 530 18.12 -1.27 5.48
N ILE A 531 17.88 -2.22 6.39
CA ILE A 531 18.36 -2.09 7.77
C ILE A 531 19.88 -2.19 7.83
N ILE A 532 20.46 -3.10 7.04
CA ILE A 532 21.91 -3.25 7.01
C ILE A 532 22.57 -2.01 6.42
N LEU A 533 21.99 -1.45 5.35
CA LEU A 533 22.57 -0.26 4.72
C LEU A 533 22.45 0.97 5.64
N PHE A 534 21.32 1.10 6.33
CA PHE A 534 21.10 2.14 7.34
C PHE A 534 22.16 2.08 8.44
N ALA A 535 22.37 0.89 9.01
CA ALA A 535 23.32 0.75 10.11
C ALA A 535 24.76 0.98 9.66
N ILE A 536 25.12 0.51 8.46
CA ILE A 536 26.50 0.66 7.98
C ILE A 536 26.81 2.12 7.68
N SER A 537 25.84 2.86 7.10
CA SER A 537 26.06 4.28 6.84
C SER A 537 26.20 5.08 8.13
N GLY A 538 25.37 4.78 9.14
CA GLY A 538 25.52 5.47 10.42
C GLY A 538 26.85 5.19 11.11
N ILE A 539 27.29 3.93 11.05
CA ILE A 539 28.57 3.55 11.68
C ILE A 539 29.74 4.26 11.00
N VAL A 540 29.70 4.35 9.66
CA VAL A 540 30.79 4.98 8.92
C VAL A 540 30.84 6.48 9.22
N THR A 541 29.69 7.17 9.25
CA THR A 541 29.77 8.61 9.51
C THR A 541 30.14 8.93 10.95
N VAL A 542 29.79 8.06 11.93
CA VAL A 542 30.22 8.32 13.30
C VAL A 542 31.72 8.10 13.46
N VAL A 543 32.25 7.03 12.87
CA VAL A 543 33.68 6.72 12.99
C VAL A 543 34.53 7.76 12.28
N VAL A 544 34.10 8.24 11.11
CA VAL A 544 34.87 9.26 10.42
C VAL A 544 34.73 10.61 11.12
N SER A 545 33.56 10.92 11.69
CA SER A 545 33.36 12.20 12.35
C SER A 545 34.07 12.31 13.69
N LEU A 546 34.44 11.19 14.31
CA LEU A 546 35.17 11.27 15.58
C LEU A 546 36.69 11.28 15.42
N LEU A 547 37.20 11.72 14.27
CA LEU A 547 38.64 11.76 14.06
C LEU A 547 39.14 13.09 13.50
N THR A 548 38.27 14.11 13.45
CA THR A 548 38.64 15.40 12.88
C THR A 548 38.21 16.54 13.81
N LYS A 549 38.28 17.78 13.31
CA LYS A 549 38.02 18.99 14.08
C LYS A 549 36.53 19.32 14.11
N PRO A 550 36.01 19.76 15.26
CA PRO A 550 34.58 20.09 15.37
C PRO A 550 34.23 21.48 14.88
N ILE A 551 32.97 21.87 15.08
CA ILE A 551 32.46 23.19 14.69
C ILE A 551 31.93 23.86 15.95
N PRO A 552 32.30 25.12 16.22
CA PRO A 552 31.80 25.80 17.42
C PRO A 552 30.31 26.11 17.30
N ASP A 553 29.69 26.35 18.45
CA ASP A 553 28.25 26.56 18.53
C ASP A 553 27.83 28.01 18.29
N VAL A 554 28.77 28.88 17.90
CA VAL A 554 28.38 30.22 17.46
C VAL A 554 27.68 30.13 16.11
N HIS A 555 28.13 29.23 15.25
CA HIS A 555 27.56 29.08 13.91
C HIS A 555 26.29 28.24 13.90
N LEU A 556 25.96 27.55 14.98
CA LEU A 556 24.95 26.50 14.96
C LEU A 556 23.72 26.84 15.80
N TYR A 557 23.39 28.12 15.92
CA TYR A 557 22.18 28.51 16.64
C TYR A 557 20.95 28.21 15.80
N ARG A 558 19.93 27.62 16.46
CA ARG A 558 18.61 27.32 15.89
C ARG A 558 18.69 26.41 14.66
N LEU A 559 19.66 25.50 14.62
CA LEU A 559 19.79 24.58 13.51
C LEU A 559 19.83 23.11 13.93
N CYS A 560 19.69 22.82 15.22
CA CYS A 560 19.65 21.44 15.70
C CYS A 560 18.56 21.36 16.77
N TRP A 561 18.56 20.27 17.53
CA TRP A 561 17.49 20.01 18.47
C TRP A 561 17.77 20.58 19.87
N SER A 562 19.03 20.61 20.28
CA SER A 562 19.34 21.11 21.62
C SER A 562 19.32 22.64 21.66
N LEU A 563 19.78 23.29 20.60
CA LEU A 563 19.85 24.75 20.53
C LEU A 563 18.71 25.34 19.74
N ARG A 564 17.52 24.75 19.80
CA ARG A 564 16.40 25.24 19.02
C ARG A 564 15.73 26.46 19.62
N ASN A 565 16.06 26.84 20.86
CA ASN A 565 15.43 27.96 21.53
C ASN A 565 16.43 29.00 22.00
N SER A 566 17.54 29.14 21.29
CA SER A 566 18.47 30.21 21.59
C SER A 566 17.94 31.53 21.04
N LYS A 567 18.46 32.62 21.57
CA LYS A 567 17.99 33.95 21.21
C LYS A 567 19.08 34.87 20.67
N GLU A 568 20.32 34.41 20.59
CA GLU A 568 21.42 35.25 20.15
C GLU A 568 21.49 35.26 18.63
N GLU A 569 22.56 35.85 18.08
CA GLU A 569 22.78 35.90 16.65
C GLU A 569 23.95 35.00 16.26
N ARG A 570 23.83 34.36 15.10
CA ARG A 570 24.83 33.44 14.61
C ARG A 570 25.57 34.02 13.42
N ILE A 571 26.88 33.74 13.35
CA ILE A 571 27.70 34.14 12.22
C ILE A 571 27.83 32.89 11.35
N ASP A 572 26.92 32.76 10.38
CA ASP A 572 26.72 31.50 9.69
C ASP A 572 27.84 31.21 8.71
N LEU A 573 27.81 30.00 8.16
CA LEU A 573 28.81 29.54 7.22
C LEU A 573 28.40 29.91 5.79
N MET A 630 0.32 36.42 5.75
CA MET A 630 0.37 35.63 4.53
C MET A 630 1.43 34.53 4.62
N LYS A 631 2.53 34.84 5.32
CA LYS A 631 3.66 33.93 5.45
C LYS A 631 3.97 33.77 6.93
N MET A 632 3.87 32.55 7.43
CA MET A 632 4.16 32.30 8.84
C MET A 632 5.65 32.20 9.07
N THR A 633 6.11 32.75 10.19
CA THR A 633 7.49 32.61 10.63
C THR A 633 7.61 32.38 12.13
N ASP A 634 6.50 32.18 12.85
CA ASP A 634 6.53 32.25 14.30
C ASP A 634 6.18 30.95 15.00
N THR A 635 5.36 30.09 14.38
CA THR A 635 4.80 28.86 14.97
C THR A 635 4.12 29.14 16.32
N SER A 636 3.08 29.95 16.27
CA SER A 636 2.30 30.28 17.46
C SER A 636 0.84 29.92 17.22
N GLU A 637 0.15 29.58 18.31
CA GLU A 637 -1.23 29.12 18.20
C GLU A 637 -1.96 29.41 19.51
N LYS A 638 -3.28 29.51 19.40
CA LYS A 638 -4.11 29.79 20.57
C LYS A 638 -4.12 28.58 21.52
N PRO A 639 -4.31 28.81 22.83
CA PRO A 639 -4.21 27.70 23.78
C PRO A 639 -5.45 26.83 23.91
N LEU A 640 -6.37 26.88 22.95
CA LEU A 640 -7.52 25.98 22.92
C LEU A 640 -7.44 24.98 21.77
N TRP A 641 -7.13 25.46 20.57
CA TRP A 641 -7.04 24.57 19.42
C TRP A 641 -5.82 23.66 19.50
N ARG A 642 -4.80 24.05 20.26
CA ARG A 642 -3.71 23.13 20.58
C ARG A 642 -4.22 21.90 21.34
N THR A 643 -5.11 22.11 22.33
CA THR A 643 -5.66 21.02 23.11
C THR A 643 -6.55 20.12 22.27
N VAL A 644 -7.37 20.74 21.40
CA VAL A 644 -8.25 19.96 20.54
C VAL A 644 -7.44 19.09 19.56
N LEU A 645 -6.36 19.64 19.01
CA LEU A 645 -5.57 18.87 18.06
C LEU A 645 -4.79 17.74 18.75
N ASN A 646 -4.32 17.95 19.98
CA ASN A 646 -3.66 16.88 20.72
C ASN A 646 -4.60 15.71 20.98
N ILE A 647 -5.83 16.01 21.41
CA ILE A 647 -6.80 14.95 21.72
C ILE A 647 -7.19 14.19 20.45
N ASN A 648 -7.34 14.89 19.32
CA ASN A 648 -7.71 14.17 18.10
C ASN A 648 -6.57 13.32 17.54
N ALA A 649 -5.31 13.74 17.71
CA ALA A 649 -4.21 12.88 17.29
C ALA A 649 -4.13 11.60 18.13
N ILE A 650 -4.42 11.71 19.43
CA ILE A 650 -4.42 10.53 20.29
C ILE A 650 -5.53 9.56 19.87
N LEU A 651 -6.71 10.07 19.53
CA LEU A 651 -7.80 9.19 19.08
C LEU A 651 -7.49 8.50 17.75
N LEU A 652 -6.81 9.20 16.84
CA LEU A 652 -6.44 8.58 15.56
C LEU A 652 -5.43 7.45 15.76
N LEU A 653 -4.47 7.64 16.66
CA LEU A 653 -3.52 6.57 16.97
C LEU A 653 -4.21 5.36 17.59
N ALA A 654 -5.21 5.60 18.45
CA ALA A 654 -5.95 4.49 19.04
C ALA A 654 -6.72 3.68 18.00
N VAL A 655 -7.30 4.36 17.01
CA VAL A 655 -8.05 3.67 15.96
C VAL A 655 -7.12 2.82 15.08
N ALA A 656 -5.93 3.34 14.76
CA ALA A 656 -4.99 2.55 13.93
C ALA A 656 -4.47 1.32 14.67
N ILE A 657 -4.21 1.46 15.98
CA ILE A 657 -3.77 0.31 16.78
C ILE A 657 -4.88 -0.74 16.88
N PHE A 658 -6.14 -0.30 16.96
CA PHE A 658 -7.24 -1.28 17.01
C PHE A 658 -7.39 -2.04 15.69
N CYS A 659 -7.18 -1.37 14.55
CA CYS A 659 -7.25 -2.09 13.27
C CYS A 659 -6.14 -3.14 13.15
N HIS A 660 -4.91 -2.77 13.54
CA HIS A 660 -3.81 -3.73 13.55
C HIS A 660 -4.06 -4.89 14.50
N ALA A 661 -4.72 -4.64 15.63
CA ALA A 661 -5.02 -5.72 16.57
C ALA A 661 -6.23 -6.53 16.17
N TYR A 662 -7.10 -6.02 15.29
CA TYR A 662 -8.19 -6.84 14.79
C TYR A 662 -7.68 -7.86 13.79
N PHE A 663 -6.97 -7.40 12.75
CA PHE A 663 -6.67 -8.35 11.67
C PHE A 663 -5.58 -9.37 11.98
N ALA A 664 -4.97 -9.32 13.16
CA ALA A 664 -3.98 -10.31 13.56
C ALA A 664 -4.46 -11.27 14.62
N SER A 665 -5.63 -11.01 15.21
CA SER A 665 -6.15 -11.85 16.28
C SER A 665 -7.04 -12.98 15.78
N ASN A 666 -7.51 -12.92 14.54
CA ASN A 666 -8.34 -13.99 13.99
C ASN A 666 -8.00 -14.19 12.51
N SER A 667 -7.18 -15.20 12.23
CA SER A 667 -6.80 -15.56 10.88
C SER A 667 -7.03 -17.06 10.69
N LEU A 668 -7.28 -17.45 9.44
CA LEU A 668 -7.76 -18.79 9.13
C LEU A 668 -6.62 -19.74 8.82
N GLU A 669 -6.82 -21.02 9.16
CA GLU A 669 -5.80 -22.04 9.01
C GLU A 669 -6.38 -23.24 8.27
N VAL A 670 -5.75 -23.64 7.17
CA VAL A 670 -6.25 -24.69 6.29
C VAL A 670 -5.95 -26.05 6.88
N LEU A 671 -6.55 -27.11 6.32
CA LEU A 671 -6.29 -28.47 6.76
C LEU A 671 -5.70 -29.27 5.60
N PHE A 672 -5.05 -30.37 5.94
CA PHE A 672 -4.43 -31.23 4.94
C PHE A 672 -5.34 -32.37 4.55
N GLN B 3 -20.91 -25.96 -1.69
CA GLN B 3 -21.32 -25.31 -0.46
C GLN B 3 -21.10 -26.22 0.73
N VAL B 4 -20.93 -25.63 1.90
CA VAL B 4 -20.67 -26.40 3.12
C VAL B 4 -21.98 -26.92 3.69
N GLN B 5 -22.02 -28.20 4.02
CA GLN B 5 -23.20 -28.81 4.61
C GLN B 5 -22.80 -29.78 5.71
N LEU B 6 -23.61 -29.84 6.76
CA LEU B 6 -23.32 -30.65 7.94
C LEU B 6 -24.25 -31.87 7.94
N GLN B 7 -23.66 -33.06 7.96
CA GLN B 7 -24.40 -34.31 8.04
C GLN B 7 -24.27 -34.88 9.44
N GLU B 8 -25.41 -35.18 10.07
CA GLU B 8 -25.42 -35.68 11.44
C GLU B 8 -26.33 -36.89 11.55
N SER B 9 -26.14 -37.64 12.63
CA SER B 9 -26.88 -38.87 12.87
C SER B 9 -26.77 -39.25 14.33
N GLY B 10 -27.71 -40.07 14.78
CA GLY B 10 -27.63 -40.62 16.13
C GLY B 10 -28.86 -40.43 16.99
N GLY B 11 -30.01 -40.15 16.39
CA GLY B 11 -31.24 -40.00 17.14
C GLY B 11 -31.83 -41.33 17.54
N GLY B 12 -32.98 -41.25 18.21
CA GLY B 12 -33.68 -42.47 18.59
C GLY B 12 -34.59 -42.24 19.79
N LEU B 13 -34.83 -43.33 20.52
CA LEU B 13 -35.71 -43.33 21.68
C LEU B 13 -35.15 -44.28 22.72
N VAL B 14 -34.91 -43.78 23.92
CA VAL B 14 -34.42 -44.58 25.04
C VAL B 14 -35.35 -44.35 26.23
N GLN B 15 -35.07 -45.07 27.32
CA GLN B 15 -35.81 -44.95 28.56
C GLN B 15 -35.04 -44.08 29.54
N ALA B 16 -35.65 -43.85 30.71
CA ALA B 16 -35.09 -42.94 31.70
C ALA B 16 -33.91 -43.62 32.41
N GLY B 17 -32.70 -43.33 31.95
CA GLY B 17 -31.51 -43.92 32.52
C GLY B 17 -30.66 -44.67 31.52
N GLY B 18 -30.78 -44.29 30.24
CA GLY B 18 -30.02 -44.89 29.17
C GLY B 18 -28.90 -44.00 28.69
N SER B 19 -28.50 -44.22 27.43
CA SER B 19 -27.42 -43.45 26.83
C SER B 19 -27.61 -43.45 25.32
N LEU B 20 -27.04 -42.44 24.67
CA LEU B 20 -27.09 -42.30 23.22
C LEU B 20 -25.75 -41.77 22.73
N ARG B 21 -25.69 -41.39 21.46
CA ARG B 21 -24.46 -40.92 20.85
C ARG B 21 -24.81 -40.07 19.66
N LEU B 22 -24.31 -38.85 19.61
CA LEU B 22 -24.60 -37.92 18.53
C LEU B 22 -23.30 -37.52 17.85
N SER B 23 -23.37 -37.30 16.55
CA SER B 23 -22.21 -36.92 15.75
C SER B 23 -22.55 -35.72 14.89
N CYS B 24 -21.53 -35.20 14.21
CA CYS B 24 -21.63 -34.02 13.37
C CYS B 24 -20.36 -33.99 12.54
N ALA B 25 -20.48 -33.72 11.24
CA ALA B 25 -19.32 -33.83 10.36
C ALA B 25 -19.52 -32.90 9.17
N ALA B 26 -18.82 -31.77 9.20
CA ALA B 26 -18.85 -30.87 8.06
C ALA B 26 -18.10 -31.47 6.88
N SER B 27 -18.46 -31.04 5.68
CA SER B 27 -17.85 -31.58 4.47
C SER B 27 -18.00 -30.59 3.34
N GLY B 28 -16.92 -30.37 2.59
CA GLY B 28 -16.94 -29.46 1.47
C GLY B 28 -16.18 -28.17 1.65
N THR B 29 -15.41 -28.03 2.71
CA THR B 29 -14.68 -26.81 3.01
C THR B 29 -13.18 -27.08 2.95
N ILE B 30 -12.38 -26.04 3.24
CA ILE B 30 -10.94 -26.13 3.12
C ILE B 30 -10.29 -25.62 4.41
N PHE B 31 -11.08 -25.06 5.31
CA PHE B 31 -10.55 -24.48 6.52
C PHE B 31 -10.83 -25.37 7.72
N VAL B 32 -10.33 -24.97 8.87
CA VAL B 32 -10.55 -25.65 10.15
C VAL B 32 -11.42 -24.74 11.00
N PHE B 33 -12.58 -25.25 11.41
CA PHE B 33 -13.49 -24.49 12.23
C PHE B 33 -12.93 -24.32 13.64
N ASP B 34 -13.45 -23.33 14.35
CA ASP B 34 -12.90 -22.96 15.64
C ASP B 34 -13.72 -23.47 16.82
N LYS B 35 -15.05 -23.40 16.76
CA LYS B 35 -15.86 -23.57 17.96
C LYS B 35 -17.11 -24.42 17.69
N MET B 36 -16.93 -25.62 17.16
CA MET B 36 -18.06 -26.52 16.89
C MET B 36 -18.80 -26.90 18.17
N GLY B 37 -20.07 -26.52 18.27
CA GLY B 37 -20.85 -26.71 19.48
C GLY B 37 -22.17 -27.43 19.33
N TRP B 38 -23.10 -27.23 20.27
CA TRP B 38 -24.42 -27.85 20.23
C TRP B 38 -25.44 -26.92 20.86
N TYR B 39 -26.67 -26.95 20.32
CA TYR B 39 -27.77 -26.10 20.78
C TYR B 39 -29.05 -26.89 20.71
N ARG B 40 -29.84 -26.88 21.79
CA ARG B 40 -31.08 -27.63 21.82
C ARG B 40 -32.27 -26.69 21.94
N GLN B 41 -33.46 -27.23 21.67
CA GLN B 41 -34.67 -26.41 21.66
C GLN B 41 -35.87 -27.32 21.84
N ALA B 42 -36.61 -27.14 22.94
CA ALA B 42 -37.80 -27.92 23.21
C ALA B 42 -38.91 -27.54 22.23
N PRO B 43 -39.83 -28.48 21.92
CA PRO B 43 -40.92 -28.14 20.98
C PRO B 43 -41.94 -27.18 21.57
N GLY B 44 -41.90 -25.94 21.09
CA GLY B 44 -42.78 -24.89 21.58
C GLY B 44 -42.13 -23.87 22.48
N LYS B 45 -40.82 -23.96 22.68
CA LYS B 45 -40.09 -23.06 23.58
C LYS B 45 -38.93 -22.42 22.82
N GLU B 46 -38.04 -21.78 23.56
CA GLU B 46 -36.88 -21.07 23.01
C GLU B 46 -35.61 -21.89 23.18
N ARG B 47 -34.58 -21.49 22.43
CA ARG B 47 -33.32 -22.23 22.37
C ARG B 47 -32.48 -21.98 23.63
N GLU B 48 -31.50 -22.85 23.83
CA GLU B 48 -30.55 -22.71 24.92
C GLU B 48 -29.26 -23.44 24.55
N PHE B 49 -28.30 -23.45 25.47
CA PHE B 49 -26.93 -23.86 25.24
C PHE B 49 -26.68 -25.20 25.90
N VAL B 50 -25.87 -26.06 25.27
CA VAL B 50 -25.61 -27.38 25.83
C VAL B 50 -24.13 -27.63 26.06
N ALA B 51 -23.32 -27.64 25.00
CA ALA B 51 -21.90 -27.96 25.13
C ALA B 51 -21.15 -27.38 23.95
N THR B 52 -19.83 -27.22 24.13
CA THR B 52 -19.00 -26.52 23.15
C THR B 52 -17.53 -26.81 23.41
N ILE B 53 -16.80 -27.21 22.39
CA ILE B 53 -15.37 -27.48 22.49
C ILE B 53 -14.63 -26.64 21.45
N SER B 54 -13.58 -25.94 21.89
CA SER B 54 -12.79 -25.11 21.00
C SER B 54 -11.69 -25.95 20.35
N ARG B 55 -10.72 -25.29 19.72
CA ARG B 55 -9.74 -26.02 18.90
C ARG B 55 -8.68 -26.70 19.75
N GLY B 56 -7.97 -25.93 20.58
CA GLY B 56 -6.96 -26.49 21.45
C GLY B 56 -7.52 -27.34 22.56
N GLY B 57 -8.79 -27.16 22.91
CA GLY B 57 -9.46 -27.98 23.90
C GLY B 57 -9.77 -27.20 25.15
N SER B 58 -11.00 -26.68 25.24
CA SER B 58 -11.45 -25.97 26.43
C SER B 58 -12.97 -26.13 26.47
N THR B 59 -13.42 -27.12 27.21
CA THR B 59 -14.82 -27.48 27.19
C THR B 59 -15.62 -26.57 28.12
N ASN B 60 -16.81 -26.17 27.68
CA ASN B 60 -17.62 -25.16 28.37
C ASN B 60 -19.06 -25.65 28.43
N TYR B 61 -19.42 -26.33 29.52
CA TYR B 61 -20.75 -26.92 29.64
C TYR B 61 -21.77 -25.89 30.12
N ALA B 62 -22.99 -26.35 30.36
CA ALA B 62 -24.04 -25.57 31.00
C ALA B 62 -24.28 -26.11 32.40
N ASP B 63 -24.76 -25.23 33.29
CA ASP B 63 -24.82 -25.57 34.71
C ASP B 63 -25.94 -26.54 35.06
N SER B 64 -26.93 -26.70 34.19
CA SER B 64 -28.03 -27.62 34.44
C SER B 64 -27.81 -28.99 33.86
N VAL B 65 -26.65 -29.24 33.21
CA VAL B 65 -26.37 -30.51 32.56
C VAL B 65 -25.00 -31.04 32.91
N LYS B 66 -24.18 -30.26 33.62
CA LYS B 66 -22.78 -30.63 33.87
C LYS B 66 -22.67 -31.83 34.79
N GLY B 67 -21.88 -32.81 34.37
CA GLY B 67 -21.72 -34.05 35.09
C GLY B 67 -22.28 -35.25 34.36
N ARG B 68 -23.18 -35.05 33.41
CA ARG B 68 -23.80 -36.14 32.66
C ARG B 68 -23.43 -36.18 31.19
N PHE B 69 -22.93 -35.09 30.63
CA PHE B 69 -22.58 -35.01 29.21
C PHE B 69 -21.07 -34.87 29.06
N THR B 70 -20.54 -35.44 27.98
CA THR B 70 -19.11 -35.36 27.68
C THR B 70 -18.93 -35.23 26.17
N ILE B 71 -18.15 -34.25 25.75
CA ILE B 71 -17.99 -33.91 24.34
C ILE B 71 -16.49 -33.88 24.01
N SER B 72 -16.12 -34.53 22.91
CA SER B 72 -14.73 -34.61 22.49
C SER B 72 -14.64 -34.45 20.98
N ARG B 73 -13.65 -33.70 20.52
CA ARG B 73 -13.43 -33.40 19.12
C ARG B 73 -12.11 -33.99 18.67
N ASP B 74 -12.06 -34.53 17.46
CA ASP B 74 -10.80 -35.00 16.91
C ASP B 74 -9.88 -33.82 16.59
N ASN B 75 -8.59 -34.14 16.46
CA ASN B 75 -7.57 -33.12 16.29
C ASN B 75 -7.37 -32.75 14.83
N ALA B 76 -7.38 -31.43 14.56
CA ALA B 76 -7.08 -30.84 13.25
C ALA B 76 -8.01 -31.34 12.14
N LYS B 77 -9.25 -31.68 12.49
CA LYS B 77 -10.26 -32.01 11.51
C LYS B 77 -11.63 -31.62 12.06
N ASN B 78 -12.67 -31.93 11.30
CA ASN B 78 -14.02 -31.48 11.60
C ASN B 78 -14.89 -32.70 11.90
N THR B 79 -14.92 -33.11 13.17
CA THR B 79 -15.78 -34.18 13.64
C THR B 79 -15.87 -34.06 15.16
N VAL B 80 -17.08 -33.96 15.69
CA VAL B 80 -17.29 -33.73 17.12
C VAL B 80 -18.40 -34.64 17.63
N TYR B 81 -18.15 -35.34 18.72
CA TYR B 81 -19.08 -36.31 19.28
C TYR B 81 -19.74 -35.75 20.53
N LEU B 82 -20.68 -36.51 21.10
CA LEU B 82 -21.34 -36.12 22.33
C LEU B 82 -21.89 -37.36 23.02
N GLN B 83 -21.25 -37.77 24.11
CA GLN B 83 -21.65 -38.96 24.85
C GLN B 83 -22.59 -38.55 25.97
N MET B 84 -23.88 -38.81 25.80
CA MET B 84 -24.85 -38.49 26.82
C MET B 84 -25.11 -39.70 27.71
N ASN B 85 -25.17 -39.46 29.02
CA ASN B 85 -25.30 -40.51 30.01
C ASN B 85 -26.37 -40.14 31.03
N SER B 86 -26.99 -41.21 31.51
CA SER B 86 -28.06 -41.28 32.45
C SER B 86 -29.15 -40.39 32.01
N LEU B 87 -29.90 -40.80 31.00
CA LEU B 87 -30.98 -39.99 30.51
C LEU B 87 -32.26 -39.87 31.37
N LYS B 88 -32.88 -38.71 31.27
CA LYS B 88 -34.09 -38.34 31.95
C LYS B 88 -35.17 -38.13 30.85
N PRO B 89 -36.44 -37.95 31.22
CA PRO B 89 -37.45 -37.68 30.23
C PRO B 89 -37.78 -36.22 30.24
N GLU B 90 -36.90 -35.40 30.76
CA GLU B 90 -37.12 -34.00 30.79
C GLU B 90 -36.41 -33.40 29.61
N ASP B 91 -35.32 -33.97 29.18
CA ASP B 91 -34.55 -33.39 28.07
C ASP B 91 -34.90 -34.06 26.75
N THR B 92 -36.13 -33.85 26.31
CA THR B 92 -36.61 -34.30 25.02
C THR B 92 -36.79 -33.09 24.10
N ALA B 93 -35.98 -33.02 23.05
CA ALA B 93 -35.96 -31.86 22.17
C ALA B 93 -35.32 -32.28 20.85
N VAL B 94 -35.10 -31.30 19.98
CA VAL B 94 -34.27 -31.49 18.79
C VAL B 94 -32.94 -30.80 19.06
N TYR B 95 -31.91 -31.24 18.34
CA TYR B 95 -30.55 -30.77 18.59
C TYR B 95 -29.93 -30.29 17.29
N TYR B 96 -29.31 -29.11 17.34
CA TYR B 96 -28.65 -28.51 16.20
C TYR B 96 -27.14 -28.57 16.39
N CYS B 97 -26.40 -28.18 15.35
CA CYS B 97 -24.95 -28.22 15.37
C CYS B 97 -24.45 -26.94 14.73
N ALA B 98 -23.74 -26.11 15.49
CA ALA B 98 -23.26 -24.81 15.01
C ALA B 98 -21.75 -24.81 14.89
N VAL B 99 -21.23 -24.11 13.88
CA VAL B 99 -19.80 -24.00 13.66
C VAL B 99 -19.44 -22.51 13.59
N ARG B 100 -18.13 -22.23 13.54
CA ARG B 100 -17.66 -20.86 13.53
C ARG B 100 -16.25 -20.80 12.95
N TYR B 101 -15.97 -19.78 12.16
CA TYR B 101 -14.65 -19.63 11.55
C TYR B 101 -13.62 -19.10 12.55
N THR B 102 -13.86 -17.92 13.09
CA THR B 102 -12.88 -17.14 13.84
C THR B 102 -13.50 -16.72 15.17
N PRO B 103 -12.67 -16.36 16.17
CA PRO B 103 -13.22 -16.09 17.51
C PRO B 103 -14.16 -14.89 17.62
N TRP B 104 -14.24 -13.98 16.65
CA TRP B 104 -15.09 -12.81 16.80
C TRP B 104 -16.08 -12.69 15.63
N ARG B 105 -16.79 -13.77 15.26
CA ARG B 105 -17.53 -13.74 14.01
C ARG B 105 -18.93 -14.33 14.02
N ARG B 106 -19.42 -14.89 15.14
CA ARG B 106 -20.84 -15.13 15.39
C ARG B 106 -21.50 -16.13 14.43
N TYR B 107 -21.04 -17.39 14.48
CA TYR B 107 -21.83 -18.59 14.15
C TYR B 107 -22.36 -18.59 12.71
N SER B 108 -21.42 -18.79 11.78
CA SER B 108 -21.70 -18.83 10.34
C SER B 108 -22.75 -19.84 9.90
N TYR B 109 -22.50 -21.14 10.08
CA TYR B 109 -23.39 -22.17 9.56
C TYR B 109 -24.12 -22.90 10.67
N TRP B 110 -25.35 -23.32 10.38
CA TRP B 110 -26.17 -24.05 11.33
C TRP B 110 -26.54 -25.40 10.75
N GLY B 111 -26.92 -26.32 11.64
CA GLY B 111 -27.27 -27.66 11.23
C GLY B 111 -28.75 -27.81 10.98
N GLN B 112 -29.14 -29.00 10.54
CA GLN B 112 -30.53 -29.25 10.21
C GLN B 112 -31.36 -29.58 11.43
N GLY B 113 -31.04 -30.68 12.11
CA GLY B 113 -31.80 -31.07 13.29
C GLY B 113 -31.97 -32.57 13.43
N THR B 114 -31.76 -33.07 14.64
CA THR B 114 -31.90 -34.49 14.96
C THR B 114 -32.94 -34.65 16.05
N GLN B 115 -33.96 -35.46 15.80
CA GLN B 115 -35.05 -35.64 16.75
C GLN B 115 -34.70 -36.75 17.73
N VAL B 116 -34.83 -36.45 19.02
CA VAL B 116 -34.64 -37.43 20.09
C VAL B 116 -35.67 -37.17 21.18
N THR B 117 -36.43 -38.20 21.53
CA THR B 117 -37.34 -38.16 22.65
C THR B 117 -37.08 -39.38 23.52
N VAL B 118 -37.49 -39.29 24.78
CA VAL B 118 -37.18 -40.29 25.80
C VAL B 118 -38.46 -40.66 26.54
N SER B 119 -38.52 -41.93 26.97
CA SER B 119 -39.64 -42.52 27.72
C SER B 119 -41.00 -42.34 27.05
CAA Y01 C . -15.30 10.21 10.07
CBA Y01 C . -14.33 11.19 10.71
CAB Y01 C . -14.94 11.80 11.96
CAN Y01 C . -13.91 12.26 9.70
CAJ Y01 C . -12.86 13.24 10.20
CAO Y01 C . -13.45 14.36 11.00
CBB Y01 C . -12.55 14.91 12.12
CAC Y01 C . -11.79 13.79 12.80
CBE Y01 C . -11.66 16.02 11.56
CAP Y01 C . -12.36 16.72 10.38
CAQ Y01 C . -12.82 18.06 10.97
CBG Y01 C . -11.55 18.43 11.71
CBI Y01 C . -11.21 17.17 12.52
CAE Y01 C . -12.04 17.08 13.81
CAU Y01 C . -9.73 17.31 12.84
CAS Y01 C . -9.45 18.62 13.59
CBF Y01 C . -9.99 19.86 12.86
CBD Y01 C . -11.48 19.68 12.55
CAK Y01 C . -11.98 20.89 11.77
CAI Y01 C . -11.71 22.13 12.55
CAZ Y01 C . -10.60 22.32 13.22
CAV Y01 C . -10.19 23.70 13.68
CBH Y01 C . -9.62 21.20 13.57
CAD Y01 C . -9.60 21.06 15.09
CAT Y01 C . -8.24 21.64 13.04
CAR Y01 C . -7.84 23.07 13.46
CBC Y01 C . -8.87 24.06 13.06
OAW Y01 C . -8.49 25.34 13.63
CAY Y01 C . -9.40 26.29 13.66
OAG Y01 C . -10.22 26.47 12.82
CAM Y01 C . -9.28 27.13 14.90
CAL Y01 C . -8.01 27.92 15.00
CAX Y01 C . -8.04 29.18 14.17
OAH Y01 C . -7.04 29.92 14.17
OAF Y01 C . -9.07 29.42 13.52
#